data_2OO2
# 
_entry.id   2OO2 
# 
_audit_conform.dict_name       mmcif_pdbx.dic 
_audit_conform.dict_version    5.383 
_audit_conform.dict_location   http://mmcif.pdb.org/dictionaries/ascii/mmcif_pdbx.dic 
# 
loop_
_database_2.database_id 
_database_2.database_code 
_database_2.pdbx_database_accession 
_database_2.pdbx_DOI 
PDB   2OO2         pdb_00002oo2 10.2210/pdb2oo2/pdb 
RCSB  RCSB041374   ?            ?                   
WWPDB D_1000041374 ?            ?                   
# 
loop_
_pdbx_audit_revision_history.ordinal 
_pdbx_audit_revision_history.data_content_type 
_pdbx_audit_revision_history.major_revision 
_pdbx_audit_revision_history.minor_revision 
_pdbx_audit_revision_history.revision_date 
1 'Structure model' 1 0 2007-02-06 
2 'Structure model' 1 1 2008-05-01 
3 'Structure model' 1 2 2011-07-13 
4 'Structure model' 1 3 2012-10-24 
5 'Structure model' 1 4 2018-11-14 
6 'Structure model' 1 5 2021-02-03 
7 'Structure model' 1 6 2023-12-27 
# 
_pdbx_audit_revision_details.ordinal             1 
_pdbx_audit_revision_details.revision_ordinal    1 
_pdbx_audit_revision_details.data_content_type   'Structure model' 
_pdbx_audit_revision_details.provider            repository 
_pdbx_audit_revision_details.type                'Initial release' 
_pdbx_audit_revision_details.description         ? 
_pdbx_audit_revision_details.details             ? 
# 
loop_
_pdbx_audit_revision_group.ordinal 
_pdbx_audit_revision_group.revision_ordinal 
_pdbx_audit_revision_group.data_content_type 
_pdbx_audit_revision_group.group 
1  2 'Structure model' 'Version format compliance' 
2  3 'Structure model' 'Derived calculations'      
3  3 'Structure model' 'Version format compliance' 
4  4 'Structure model' 'Structure summary'         
5  5 'Structure model' 'Data collection'           
6  5 'Structure model' 'Structure summary'         
7  6 'Structure model' 'Database references'       
8  6 'Structure model' 'Structure summary'         
9  7 'Structure model' 'Data collection'           
10 7 'Structure model' 'Database references'       
# 
loop_
_pdbx_audit_revision_category.ordinal 
_pdbx_audit_revision_category.revision_ordinal 
_pdbx_audit_revision_category.data_content_type 
_pdbx_audit_revision_category.category 
1 5 'Structure model' audit_author       
2 6 'Structure model' audit_author       
3 6 'Structure model' citation_author    
4 6 'Structure model' struct_ref_seq_dif 
5 7 'Structure model' chem_comp_atom     
6 7 'Structure model' chem_comp_bond     
7 7 'Structure model' database_2         
# 
loop_
_pdbx_audit_revision_item.ordinal 
_pdbx_audit_revision_item.revision_ordinal 
_pdbx_audit_revision_item.data_content_type 
_pdbx_audit_revision_item.item 
1 5 'Structure model' '_audit_author.identifier_ORCID'      
2 6 'Structure model' '_audit_author.identifier_ORCID'      
3 6 'Structure model' '_citation_author.identifier_ORCID'   
4 6 'Structure model' '_struct_ref_seq_dif.details'         
5 7 'Structure model' '_database_2.pdbx_DOI'                
6 7 'Structure model' '_database_2.pdbx_database_accession' 
# 
_pdbx_database_status.entry_id                        2OO2 
_pdbx_database_status.deposit_site                    RCSB 
_pdbx_database_status.process_site                    RCSB 
_pdbx_database_status.recvd_initial_deposition_date   2007-01-25 
_pdbx_database_status.status_code                     REL 
_pdbx_database_status.status_code_sf                  REL 
_pdbx_database_status.status_code_mr                  ? 
_pdbx_database_status.SG_entry                        Y 
_pdbx_database_status.status_code_cs                  ? 
_pdbx_database_status.pdb_format_compatible           Y 
_pdbx_database_status.methods_development_category    ? 
_pdbx_database_status.status_code_nmr_data            ? 
# 
_pdbx_database_related.db_name        TargetDB 
_pdbx_database_related.db_id          NYSGXRC-10200c 
_pdbx_database_related.details        . 
_pdbx_database_related.content_type   unspecified 
# 
loop_
_audit_author.name 
_audit_author.pdbx_ordinal 
_audit_author.identifier_ORCID 
'Bonanno, J.B.'                                                  1  ?                   
'Rutter, M.'                                                     2  ?                   
'Bain, K.T.'                                                     3  ?                   
'Adams, J.'                                                      4  ?                   
'Sridhar, V.'                                                    5  ?                   
'Smyth, L.'                                                      6  ?                   
'Freeman, J.'                                                    7  ?                   
'Atwell, S.'                                                     8  ?                   
'Sauder, J.M.'                                                   9  0000-0002-0254-4955 
'Burley, S.K.'                                                   10 0000-0002-2487-9713 
'Almo, S.C.'                                                     11 ?                   
'New York SGX Research Center for Structural Genomics (NYSGXRC)' 12 ?                   
# 
_citation.id                        primary 
_citation.title                     'Crystal structure of the hypothetical AF_1782 protein from Archaeoglobus fulgidus' 
_citation.journal_abbrev            'To be Published' 
_citation.journal_volume            ? 
_citation.page_first                ? 
_citation.page_last                 ? 
_citation.year                      ? 
_citation.journal_id_ASTM           ? 
_citation.country                   ? 
_citation.journal_id_ISSN           ? 
_citation.journal_id_CSD            0353 
_citation.book_publisher            ? 
_citation.pdbx_database_id_PubMed   ? 
_citation.pdbx_database_id_DOI      ? 
# 
loop_
_citation_author.citation_id 
_citation_author.name 
_citation_author.ordinal 
_citation_author.identifier_ORCID 
primary 'Bonanno, J.B.' 1  ?                   
primary 'Rutter, M.'    2  ?                   
primary 'Bain, K.T.'    3  ?                   
primary 'Adams, J.'     4  ?                   
primary 'Sridhar, V.'   5  ?                   
primary 'Smyth, L.'     6  ?                   
primary 'Freeman, J.'   7  ?                   
primary 'Atwell, S.'    8  ?                   
primary 'Sauder, J.M.'  9  ?                   
primary 'Burley, S.K.'  10 0000-0002-2487-9713 
primary 'Almo, S.C.'    11 ?                   
# 
loop_
_entity.id 
_entity.type 
_entity.src_method 
_entity.pdbx_description 
_entity.formula_weight 
_entity.pdbx_number_of_molecules 
_entity.pdbx_ec 
_entity.pdbx_mutation 
_entity.pdbx_fragment 
_entity.details 
1 polymer man 'Hypothetical protein AF_1782' 10375.664 1  ? ? ? ? 
2 water   nat water                          18.015    23 ? ? ? ? 
# 
_entity_poly.entity_id                      1 
_entity_poly.type                           'polypeptide(L)' 
_entity_poly.nstd_linkage                   no 
_entity_poly.nstd_monomer                   no 
_entity_poly.pdbx_seq_one_letter_code       
;MSLEEELRRETLKWLERIEERVKEIEGDEGFMRNIEAYISDSRYFLEKGDLVRAFECVVWAWAWLEIGLEVGKLHETAEG
HHHHHH
;
_entity_poly.pdbx_seq_one_letter_code_can   
;MSLEEELRRETLKWLERIEERVKEIEGDEGFMRNIEAYISDSRYFLEKGDLVRAFECVVWAWAWLEIGLEVGKLHETAEG
HHHHHH
;
_entity_poly.pdbx_strand_id                 A 
_entity_poly.pdbx_target_identifier         NYSGXRC-10200c 
# 
_pdbx_entity_nonpoly.entity_id   2 
_pdbx_entity_nonpoly.name        water 
_pdbx_entity_nonpoly.comp_id     HOH 
# 
loop_
_entity_poly_seq.entity_id 
_entity_poly_seq.num 
_entity_poly_seq.mon_id 
_entity_poly_seq.hetero 
1 1  MET n 
1 2  SER n 
1 3  LEU n 
1 4  GLU n 
1 5  GLU n 
1 6  GLU n 
1 7  LEU n 
1 8  ARG n 
1 9  ARG n 
1 10 GLU n 
1 11 THR n 
1 12 LEU n 
1 13 LYS n 
1 14 TRP n 
1 15 LEU n 
1 16 GLU n 
1 17 ARG n 
1 18 ILE n 
1 19 GLU n 
1 20 GLU n 
1 21 ARG n 
1 22 VAL n 
1 23 LYS n 
1 24 GLU n 
1 25 ILE n 
1 26 GLU n 
1 27 GLY n 
1 28 ASP n 
1 29 GLU n 
1 30 GLY n 
1 31 PHE n 
1 32 MET n 
1 33 ARG n 
1 34 ASN n 
1 35 ILE n 
1 36 GLU n 
1 37 ALA n 
1 38 TYR n 
1 39 ILE n 
1 40 SER n 
1 41 ASP n 
1 42 SER n 
1 43 ARG n 
1 44 TYR n 
1 45 PHE n 
1 46 LEU n 
1 47 GLU n 
1 48 LYS n 
1 49 GLY n 
1 50 ASP n 
1 51 LEU n 
1 52 VAL n 
1 53 ARG n 
1 54 ALA n 
1 55 PHE n 
1 56 GLU n 
1 57 CYS n 
1 58 VAL n 
1 59 VAL n 
1 60 TRP n 
1 61 ALA n 
1 62 TRP n 
1 63 ALA n 
1 64 TRP n 
1 65 LEU n 
1 66 GLU n 
1 67 ILE n 
1 68 GLY n 
1 69 LEU n 
1 70 GLU n 
1 71 VAL n 
1 72 GLY n 
1 73 LYS n 
1 74 LEU n 
1 75 HIS n 
1 76 GLU n 
1 77 THR n 
1 78 ALA n 
1 79 GLU n 
1 80 GLY n 
1 81 HIS n 
1 82 HIS n 
1 83 HIS n 
1 84 HIS n 
1 85 HIS n 
1 86 HIS n 
# 
_entity_src_gen.entity_id                          1 
_entity_src_gen.pdbx_src_id                        1 
_entity_src_gen.pdbx_alt_source_flag               sample 
_entity_src_gen.pdbx_seq_type                      ? 
_entity_src_gen.pdbx_beg_seq_num                   ? 
_entity_src_gen.pdbx_end_seq_num                   ? 
_entity_src_gen.gene_src_common_name               ? 
_entity_src_gen.gene_src_genus                     Archaeoglobus 
_entity_src_gen.pdbx_gene_src_gene                 AF_1782 
_entity_src_gen.gene_src_species                   'Archaeoglobus fulgidus' 
_entity_src_gen.gene_src_strain                    'VC-16, DSM 4304, JCM 9628, NBRC 100126' 
_entity_src_gen.gene_src_tissue                    ? 
_entity_src_gen.gene_src_tissue_fraction           ? 
_entity_src_gen.gene_src_details                   ? 
_entity_src_gen.pdbx_gene_src_fragment             ? 
_entity_src_gen.pdbx_gene_src_scientific_name      'Archaeoglobus fulgidus DSM 4304' 
_entity_src_gen.pdbx_gene_src_ncbi_taxonomy_id     224325 
_entity_src_gen.pdbx_gene_src_variant              ? 
_entity_src_gen.pdbx_gene_src_cell_line            ? 
_entity_src_gen.pdbx_gene_src_atcc                 49558 
_entity_src_gen.pdbx_gene_src_organ                ? 
_entity_src_gen.pdbx_gene_src_organelle            ? 
_entity_src_gen.pdbx_gene_src_cell                 ? 
_entity_src_gen.pdbx_gene_src_cellular_location    ? 
_entity_src_gen.host_org_common_name               ? 
_entity_src_gen.pdbx_host_org_scientific_name      'Escherichia coli BL21(DE3)' 
_entity_src_gen.pdbx_host_org_ncbi_taxonomy_id     469008 
_entity_src_gen.host_org_genus                     Escherichia 
_entity_src_gen.pdbx_host_org_gene                 ? 
_entity_src_gen.pdbx_host_org_organ                ? 
_entity_src_gen.host_org_species                   'Escherichia coli' 
_entity_src_gen.pdbx_host_org_tissue               ? 
_entity_src_gen.pdbx_host_org_tissue_fraction      ? 
_entity_src_gen.pdbx_host_org_strain               'BL21(DE3)' 
_entity_src_gen.pdbx_host_org_variant              ? 
_entity_src_gen.pdbx_host_org_cell_line            ? 
_entity_src_gen.pdbx_host_org_atcc                 ? 
_entity_src_gen.pdbx_host_org_culture_collection   ? 
_entity_src_gen.pdbx_host_org_cell                 ? 
_entity_src_gen.pdbx_host_org_organelle            ? 
_entity_src_gen.pdbx_host_org_cellular_location    ? 
_entity_src_gen.pdbx_host_org_vector_type          Plasmid 
_entity_src_gen.pdbx_host_org_vector               pET 
_entity_src_gen.host_org_details                   ? 
_entity_src_gen.expression_system_id               ? 
_entity_src_gen.plasmid_name                       'modified pET26' 
_entity_src_gen.plasmid_details                    ? 
_entity_src_gen.pdbx_description                   ? 
# 
loop_
_chem_comp.id 
_chem_comp.type 
_chem_comp.mon_nstd_flag 
_chem_comp.name 
_chem_comp.pdbx_synonyms 
_chem_comp.formula 
_chem_comp.formula_weight 
ALA 'L-peptide linking' y ALANINE         ? 'C3 H7 N O2'     89.093  
ARG 'L-peptide linking' y ARGININE        ? 'C6 H15 N4 O2 1' 175.209 
ASN 'L-peptide linking' y ASPARAGINE      ? 'C4 H8 N2 O3'    132.118 
ASP 'L-peptide linking' y 'ASPARTIC ACID' ? 'C4 H7 N O4'     133.103 
CYS 'L-peptide linking' y CYSTEINE        ? 'C3 H7 N O2 S'   121.158 
GLU 'L-peptide linking' y 'GLUTAMIC ACID' ? 'C5 H9 N O4'     147.129 
GLY 'peptide linking'   y GLYCINE         ? 'C2 H5 N O2'     75.067  
HIS 'L-peptide linking' y HISTIDINE       ? 'C6 H10 N3 O2 1' 156.162 
HOH non-polymer         . WATER           ? 'H2 O'           18.015  
ILE 'L-peptide linking' y ISOLEUCINE      ? 'C6 H13 N O2'    131.173 
LEU 'L-peptide linking' y LEUCINE         ? 'C6 H13 N O2'    131.173 
LYS 'L-peptide linking' y LYSINE          ? 'C6 H15 N2 O2 1' 147.195 
MET 'L-peptide linking' y METHIONINE      ? 'C5 H11 N O2 S'  149.211 
PHE 'L-peptide linking' y PHENYLALANINE   ? 'C9 H11 N O2'    165.189 
SER 'L-peptide linking' y SERINE          ? 'C3 H7 N O3'     105.093 
THR 'L-peptide linking' y THREONINE       ? 'C4 H9 N O3'     119.119 
TRP 'L-peptide linking' y TRYPTOPHAN      ? 'C11 H12 N2 O2'  204.225 
TYR 'L-peptide linking' y TYROSINE        ? 'C9 H11 N O3'    181.189 
VAL 'L-peptide linking' y VALINE          ? 'C5 H11 N O2'    117.146 
# 
loop_
_pdbx_poly_seq_scheme.asym_id 
_pdbx_poly_seq_scheme.entity_id 
_pdbx_poly_seq_scheme.seq_id 
_pdbx_poly_seq_scheme.mon_id 
_pdbx_poly_seq_scheme.ndb_seq_num 
_pdbx_poly_seq_scheme.pdb_seq_num 
_pdbx_poly_seq_scheme.auth_seq_num 
_pdbx_poly_seq_scheme.pdb_mon_id 
_pdbx_poly_seq_scheme.auth_mon_id 
_pdbx_poly_seq_scheme.pdb_strand_id 
_pdbx_poly_seq_scheme.pdb_ins_code 
_pdbx_poly_seq_scheme.hetero 
A 1 1  MET 1  -1 ?  ?   ?   A . n 
A 1 2  SER 2  0  0  SER SER A . n 
A 1 3  LEU 3  1  1  LEU LEU A . n 
A 1 4  GLU 4  2  2  GLU GLU A . n 
A 1 5  GLU 5  3  3  GLU GLU A . n 
A 1 6  GLU 6  4  4  GLU GLU A . n 
A 1 7  LEU 7  5  5  LEU LEU A . n 
A 1 8  ARG 8  6  6  ARG ARG A . n 
A 1 9  ARG 9  7  7  ARG ARG A . n 
A 1 10 GLU 10 8  8  GLU GLU A . n 
A 1 11 THR 11 9  9  THR THR A . n 
A 1 12 LEU 12 10 10 LEU LEU A . n 
A 1 13 LYS 13 11 11 LYS LYS A . n 
A 1 14 TRP 14 12 12 TRP TRP A . n 
A 1 15 LEU 15 13 13 LEU LEU A . n 
A 1 16 GLU 16 14 14 GLU GLU A . n 
A 1 17 ARG 17 15 15 ARG ARG A . n 
A 1 18 ILE 18 16 16 ILE ILE A . n 
A 1 19 GLU 19 17 17 GLU GLU A . n 
A 1 20 GLU 20 18 18 GLU GLU A . n 
A 1 21 ARG 21 19 19 ARG ARG A . n 
A 1 22 VAL 22 20 20 VAL VAL A . n 
A 1 23 LYS 23 21 21 LYS LYS A . n 
A 1 24 GLU 24 22 22 GLU GLU A . n 
A 1 25 ILE 25 23 23 ILE ILE A . n 
A 1 26 GLU 26 24 24 GLU GLU A . n 
A 1 27 GLY 27 25 25 GLY GLY A . n 
A 1 28 ASP 28 26 26 ASP ASP A . n 
A 1 29 GLU 29 27 27 GLU GLU A . n 
A 1 30 GLY 30 28 28 GLY GLY A . n 
A 1 31 PHE 31 29 29 PHE PHE A . n 
A 1 32 MET 32 30 30 MET MET A . n 
A 1 33 ARG 33 31 31 ARG ARG A . n 
A 1 34 ASN 34 32 32 ASN ASN A . n 
A 1 35 ILE 35 33 33 ILE ILE A . n 
A 1 36 GLU 36 34 34 GLU GLU A . n 
A 1 37 ALA 37 35 35 ALA ALA A . n 
A 1 38 TYR 38 36 36 TYR TYR A . n 
A 1 39 ILE 39 37 37 ILE ILE A . n 
A 1 40 SER 40 38 38 SER SER A . n 
A 1 41 ASP 41 39 39 ASP ASP A . n 
A 1 42 SER 42 40 40 SER SER A . n 
A 1 43 ARG 43 41 41 ARG ARG A . n 
A 1 44 TYR 44 42 42 TYR TYR A . n 
A 1 45 PHE 45 43 43 PHE PHE A . n 
A 1 46 LEU 46 44 44 LEU LEU A . n 
A 1 47 GLU 47 45 45 GLU GLU A . n 
A 1 48 LYS 48 46 46 LYS LYS A . n 
A 1 49 GLY 49 47 47 GLY GLY A . n 
A 1 50 ASP 50 48 48 ASP ASP A . n 
A 1 51 LEU 51 49 49 LEU LEU A . n 
A 1 52 VAL 52 50 50 VAL VAL A . n 
A 1 53 ARG 53 51 51 ARG ARG A . n 
A 1 54 ALA 54 52 52 ALA ALA A . n 
A 1 55 PHE 55 53 53 PHE PHE A . n 
A 1 56 GLU 56 54 54 GLU GLU A . n 
A 1 57 CYS 57 55 55 CYS CYS A . n 
A 1 58 VAL 58 56 56 VAL VAL A . n 
A 1 59 VAL 59 57 57 VAL VAL A . n 
A 1 60 TRP 60 58 58 TRP TRP A . n 
A 1 61 ALA 61 59 59 ALA ALA A . n 
A 1 62 TRP 62 60 60 TRP TRP A . n 
A 1 63 ALA 63 61 61 ALA ALA A . n 
A 1 64 TRP 64 62 62 TRP TRP A . n 
A 1 65 LEU 65 63 63 LEU LEU A . n 
A 1 66 GLU 66 64 64 GLU GLU A . n 
A 1 67 ILE 67 65 65 ILE ILE A . n 
A 1 68 GLY 68 66 66 GLY GLY A . n 
A 1 69 LEU 69 67 67 LEU LEU A . n 
A 1 70 GLU 70 68 68 GLU GLU A . n 
A 1 71 VAL 71 69 69 VAL VAL A . n 
A 1 72 GLY 72 70 70 GLY GLY A . n 
A 1 73 LYS 73 71 71 LYS LYS A . n 
A 1 74 LEU 74 72 72 LEU LEU A . n 
A 1 75 HIS 75 73 73 HIS HIS A . n 
A 1 76 GLU 76 74 74 GLU GLU A . n 
A 1 77 THR 77 75 75 THR THR A . n 
A 1 78 ALA 78 76 ?  ?   ?   A . n 
A 1 79 GLU 79 77 ?  ?   ?   A . n 
A 1 80 GLY 80 78 ?  ?   ?   A . n 
A 1 81 HIS 81 79 ?  ?   ?   A . n 
A 1 82 HIS 82 80 ?  ?   ?   A . n 
A 1 83 HIS 83 81 ?  ?   ?   A . n 
A 1 84 HIS 84 82 ?  ?   ?   A . n 
A 1 85 HIS 85 83 ?  ?   ?   A . n 
A 1 86 HIS 86 84 ?  ?   ?   A . n 
# 
loop_
_pdbx_nonpoly_scheme.asym_id 
_pdbx_nonpoly_scheme.entity_id 
_pdbx_nonpoly_scheme.mon_id 
_pdbx_nonpoly_scheme.ndb_seq_num 
_pdbx_nonpoly_scheme.pdb_seq_num 
_pdbx_nonpoly_scheme.auth_seq_num 
_pdbx_nonpoly_scheme.pdb_mon_id 
_pdbx_nonpoly_scheme.auth_mon_id 
_pdbx_nonpoly_scheme.pdb_strand_id 
_pdbx_nonpoly_scheme.pdb_ins_code 
B 2 HOH 1  85  1  HOH HOH A . 
B 2 HOH 2  86  2  HOH HOH A . 
B 2 HOH 3  87  3  HOH HOH A . 
B 2 HOH 4  88  4  HOH HOH A . 
B 2 HOH 5  89  6  HOH HOH A . 
B 2 HOH 6  90  8  HOH HOH A . 
B 2 HOH 7  91  9  HOH HOH A . 
B 2 HOH 8  92  10 HOH HOH A . 
B 2 HOH 9  93  11 HOH HOH A . 
B 2 HOH 10 94  12 HOH HOH A . 
B 2 HOH 11 95  13 HOH HOH A . 
B 2 HOH 12 96  14 HOH HOH A . 
B 2 HOH 13 97  15 HOH HOH A . 
B 2 HOH 14 98  17 HOH HOH A . 
B 2 HOH 15 99  19 HOH HOH A . 
B 2 HOH 16 100 20 HOH HOH A . 
B 2 HOH 17 101 22 HOH HOH A . 
B 2 HOH 18 102 24 HOH HOH A . 
B 2 HOH 19 103 26 HOH HOH A . 
B 2 HOH 20 104 30 HOH HOH A . 
B 2 HOH 21 105 33 HOH HOH A . 
B 2 HOH 22 106 35 HOH HOH A . 
B 2 HOH 23 107 36 HOH HOH A . 
# 
loop_
_software.name 
_software.version 
_software.date 
_software.type 
_software.contact_author 
_software.contact_author_email 
_software.classification 
_software.location 
_software.language 
_software.citation_id 
_software.pdbx_ordinal 
SCALA       .     ?                other   'Phil Evans'      pre@mrc-lmb.cam.ac.uk    'data scaling'    
http://www.ccp4.ac.uk/dist/html/INDEX.html Fortran_77 ? 1 
REFMAC      .     ?                program 'Murshudov, G.N.' ccp4@dl.ac.uk            refinement        
http://www.ccp4.ac.uk/main.html            Fortran_77 ? 2 
PDB_EXTRACT 2.000 'April. 3, 2006' package PDB               sw-help@rcsb.rutgers.edu 'data extraction' 
http://pdb.rutgers.edu/software/           C++        ? 3 
CBASS       .     ?                ?       ?                 ?                        'data collection' ? ?          ? 4 
HKL-2000    .     ?                ?       ?                 ?                        'data reduction'  ? ?          ? 5 
HKL-2000    .     ?                ?       ?                 ?                        'data scaling'    ? ?          ? 6 
SHELXD      .     ?                ?       ?                 ?                        phasing           ? ?          ? 7 
# 
_cell.length_a           44.631 
_cell.length_b           46.452 
_cell.length_c           43.177 
_cell.angle_alpha        90.000 
_cell.angle_beta         90.000 
_cell.angle_gamma        90.000 
_cell.entry_id           2OO2 
_cell.pdbx_unique_axis   ? 
_cell.Z_PDB              4 
_cell.length_a_esd       ? 
_cell.length_b_esd       ? 
_cell.length_c_esd       ? 
_cell.angle_alpha_esd    ? 
_cell.angle_beta_esd     ? 
_cell.angle_gamma_esd    ? 
# 
_symmetry.space_group_name_H-M             'P 21 21 2' 
_symmetry.entry_id                         2OO2 
_symmetry.Int_Tables_number                18 
_symmetry.pdbx_full_space_group_name_H-M   ? 
_symmetry.cell_setting                     ? 
_symmetry.space_group_name_Hall            ? 
# 
_exptl.crystals_number   1 
_exptl.entry_id          2OO2 
_exptl.method            'X-RAY DIFFRACTION' 
# 
_exptl_crystal.id                    1 
_exptl_crystal.density_percent_sol   42.97 
_exptl_crystal.density_Matthews      2.16 
_exptl_crystal.density_meas          ? 
_exptl_crystal.description           ? 
_exptl_crystal.F_000                 ? 
_exptl_crystal.preparation           ? 
# 
_exptl_crystal_grow.crystal_id      1 
_exptl_crystal_grow.method          'VAPOR DIFFUSION' 
_exptl_crystal_grow.pH              7.5 
_exptl_crystal_grow.temp            294 
_exptl_crystal_grow.pdbx_details    
'100mM Tris-HCl pH 7.5, 3.2M 1,6-hexanediol, 200mM Magnesium chloride, VAPOR DIFFUSION, temperature 294K' 
_exptl_crystal_grow.temp_details    ? 
_exptl_crystal_grow.pdbx_pH_range   . 
# 
_diffrn.id                     1 
_diffrn.ambient_temp           100 
_diffrn.ambient_temp_details   ? 
_diffrn.crystal_id             1 
# 
_diffrn_detector.diffrn_id              1 
_diffrn_detector.detector               CCD 
_diffrn_detector.type                   'ADSC QUANTUM 315' 
_diffrn_detector.pdbx_collection_date   2007-01-20 
_diffrn_detector.details                ? 
# 
_diffrn_radiation.diffrn_id                        1 
_diffrn_radiation.pdbx_diffrn_protocol             'SINGLE WAVELENGTH' 
_diffrn_radiation.monochromator                    Si 
_diffrn_radiation.wavelength_id                    1 
_diffrn_radiation.pdbx_monochromatic_or_laue_m_l   M 
_diffrn_radiation.pdbx_scattering_type             x-ray 
# 
_diffrn_radiation_wavelength.id           1 
_diffrn_radiation_wavelength.wavelength   0.97958 
_diffrn_radiation_wavelength.wt           1.0 
# 
_diffrn_source.diffrn_id                   1 
_diffrn_source.source                      SYNCHROTRON 
_diffrn_source.type                        'NSLS BEAMLINE X29A' 
_diffrn_source.pdbx_wavelength_list        0.97958 
_diffrn_source.pdbx_wavelength             ? 
_diffrn_source.pdbx_synchrotron_site       NSLS 
_diffrn_source.pdbx_synchrotron_beamline   X29A 
# 
_reflns.entry_id                     2OO2 
_reflns.d_resolution_high            1.795 
_reflns.d_resolution_low             43.193 
_reflns.number_obs                   8690 
_reflns.pdbx_Rmerge_I_obs            0.08 
_reflns.pdbx_netI_over_sigmaI        20.6 
_reflns.pdbx_Rsym_value              0.08 
_reflns.pdbx_redundancy              8.900 
_reflns.percent_possible_obs         98.500 
_reflns.observed_criterion_sigma_F   0 
_reflns.observed_criterion_sigma_I   0 
_reflns.number_all                   8822 
_reflns.B_iso_Wilson_estimate        28.0 
_reflns.R_free_details               ? 
_reflns.limit_h_max                  ? 
_reflns.limit_h_min                  ? 
_reflns.limit_k_max                  ? 
_reflns.limit_k_min                  ? 
_reflns.limit_l_max                  ? 
_reflns.limit_l_min                  ? 
_reflns.observed_criterion_F_max     ? 
_reflns.observed_criterion_F_min     ? 
_reflns.pdbx_chi_squared             ? 
_reflns.pdbx_scaling_rejects         ? 
_reflns.pdbx_ordinal                 1 
_reflns.pdbx_diffrn_id               1 
# 
_reflns_shell.d_res_high             1.795 
_reflns_shell.d_res_low              1.89 
_reflns_shell.number_measured_obs    ? 
_reflns_shell.number_measured_all    7358 
_reflns_shell.number_unique_obs      ? 
_reflns_shell.Rmerge_I_obs           0.549 
_reflns_shell.meanI_over_sigI_obs    2.4 
_reflns_shell.pdbx_Rsym_value        0.549 
_reflns_shell.pdbx_chi_squared       ? 
_reflns_shell.pdbx_redundancy        6.40 
_reflns_shell.percent_possible_obs   ? 
_reflns_shell.number_unique_all      1147 
_reflns_shell.percent_possible_all   91.80 
_reflns_shell.pdbx_ordinal           1 
_reflns_shell.pdbx_diffrn_id         1 
# 
_refine.entry_id                                 2OO2 
_refine.ls_d_res_high                            1.800 
_refine.ls_d_res_low                             20.000 
_refine.pdbx_ls_sigma_F                          0.00 
_refine.ls_percent_reflns_obs                    98.520 
_refine.ls_number_reflns_obs                     8682 
_refine.pdbx_ls_cross_valid_method               THROUGHOUT 
_refine.pdbx_R_Free_selection_details            RANDOM 
_refine.ls_R_factor_obs                          0.242 
_refine.ls_R_factor_R_work                       0.24 
_refine.ls_R_factor_R_free                       0.289 
_refine.ls_percent_reflns_R_free                 4.800 
_refine.ls_number_reflns_R_free                  415 
_refine.B_iso_mean                               39.037 
_refine.aniso_B[1][1]                            -1.800 
_refine.aniso_B[2][2]                            -3.210 
_refine.aniso_B[3][3]                            5.010 
_refine.aniso_B[1][2]                            0.000 
_refine.aniso_B[1][3]                            0.000 
_refine.aniso_B[2][3]                            0.000 
_refine.correlation_coeff_Fo_to_Fc               0.941 
_refine.correlation_coeff_Fo_to_Fc_free          0.910 
_refine.pdbx_overall_ESU_R                       0.152 
_refine.pdbx_overall_ESU_R_Free                  0.150 
_refine.overall_SU_ML                            0.132 
_refine.overall_SU_B                             4.256 
_refine.solvent_model_details                    'BABINET MODEL WITH MASK' 
_refine.pdbx_solvent_vdw_probe_radii             1.400 
_refine.pdbx_solvent_ion_probe_radii             0.800 
_refine.pdbx_solvent_shrinkage_radii             0.800 
_refine.pdbx_stereochemistry_target_values       'MAXIMUM LIKELIHOOD' 
_refine.pdbx_ls_sigma_I                          0 
_refine.ls_number_reflns_all                     ? 
_refine.ls_R_factor_all                          ? 
_refine.ls_redundancy_reflns_obs                 ? 
_refine.pdbx_data_cutoff_high_absF               ? 
_refine.pdbx_data_cutoff_low_absF                ? 
_refine.ls_number_parameters                     ? 
_refine.ls_number_restraints                     ? 
_refine.ls_R_factor_R_free_error                 ? 
_refine.ls_R_factor_R_free_error_details         ? 
_refine.pdbx_method_to_determine_struct          SAD 
_refine.pdbx_starting_model                      ? 
_refine.pdbx_stereochem_target_val_spec_case     ? 
_refine.solvent_model_param_bsol                 ? 
_refine.solvent_model_param_ksol                 ? 
_refine.occupancy_max                            ? 
_refine.occupancy_min                            ? 
_refine.pdbx_isotropic_thermal_model             ? 
_refine.details                                  ? 
_refine.B_iso_min                                ? 
_refine.B_iso_max                                ? 
_refine.overall_SU_R_Cruickshank_DPI             ? 
_refine.overall_SU_R_free                        ? 
_refine.pdbx_data_cutoff_high_rms_absF           ? 
_refine.ls_wR_factor_R_free                      ? 
_refine.ls_wR_factor_R_work                      ? 
_refine.overall_FOM_free_R_set                   ? 
_refine.overall_FOM_work_R_set                   ? 
_refine.pdbx_refine_id                           'X-RAY DIFFRACTION' 
_refine.pdbx_diffrn_id                           1 
_refine.pdbx_TLS_residual_ADP_flag               ? 
_refine.pdbx_overall_phase_error                 ? 
_refine.pdbx_overall_SU_R_free_Cruickshank_DPI   ? 
_refine.pdbx_overall_SU_R_Blow_DPI               ? 
_refine.pdbx_overall_SU_R_free_Blow_DPI          ? 
# 
_refine_hist.pdbx_refine_id                   'X-RAY DIFFRACTION' 
_refine_hist.cycle_id                         LAST 
_refine_hist.pdbx_number_atoms_protein        645 
_refine_hist.pdbx_number_atoms_nucleic_acid   0 
_refine_hist.pdbx_number_atoms_ligand         0 
_refine_hist.number_atoms_solvent             23 
_refine_hist.number_atoms_total               668 
_refine_hist.d_res_high                       1.800 
_refine_hist.d_res_low                        20.000 
# 
loop_
_refine_ls_restr.type 
_refine_ls_restr.number 
_refine_ls_restr.dev_ideal 
_refine_ls_restr.dev_ideal_target 
_refine_ls_restr.weight 
_refine_ls_restr.pdbx_refine_id 
_refine_ls_restr.pdbx_restraint_function 
r_bond_refined_d         658 0.029  0.022  ? 'X-RAY DIFFRACTION' ? 
r_angle_refined_deg      885 1.954  1.947  ? 'X-RAY DIFFRACTION' ? 
r_dihedral_angle_1_deg   75  5.689  5.000  ? 'X-RAY DIFFRACTION' ? 
r_dihedral_angle_2_deg   37  35.743 23.514 ? 'X-RAY DIFFRACTION' ? 
r_dihedral_angle_3_deg   125 17.276 15.000 ? 'X-RAY DIFFRACTION' ? 
r_dihedral_angle_4_deg   7   15.836 15.000 ? 'X-RAY DIFFRACTION' ? 
r_chiral_restr           92  0.132  0.200  ? 'X-RAY DIFFRACTION' ? 
r_gen_planes_refined     498 0.011  0.020  ? 'X-RAY DIFFRACTION' ? 
r_nbd_refined            268 0.211  0.200  ? 'X-RAY DIFFRACTION' ? 
r_nbtor_refined          446 0.295  0.200  ? 'X-RAY DIFFRACTION' ? 
r_xyhbond_nbd_refined    33  0.141  0.200  ? 'X-RAY DIFFRACTION' ? 
r_symmetry_vdw_refined   27  0.211  0.200  ? 'X-RAY DIFFRACTION' ? 
r_symmetry_hbond_refined 6   0.282  0.200  ? 'X-RAY DIFFRACTION' ? 
r_mcbond_it              392 1.621  1.500  ? 'X-RAY DIFFRACTION' ? 
r_mcangle_it             598 2.266  2.000  ? 'X-RAY DIFFRACTION' ? 
r_scbond_it              326 3.880  3.000  ? 'X-RAY DIFFRACTION' ? 
r_scangle_it             287 5.875  4.500  ? 'X-RAY DIFFRACTION' ? 
# 
_refine_ls_shell.d_res_high                       1.80 
_refine_ls_shell.d_res_low                        1.84 
_refine_ls_shell.pdbx_total_number_of_bins_used   20 
_refine_ls_shell.percent_reflns_obs               87.520 
_refine_ls_shell.number_reflns_R_work             512 
_refine_ls_shell.R_factor_all                     ? 
_refine_ls_shell.R_factor_R_work                  0.343 
_refine_ls_shell.R_factor_R_free                  0.362 
_refine_ls_shell.percent_reflns_R_free            ? 
_refine_ls_shell.number_reflns_R_free             35 
_refine_ls_shell.R_factor_R_free_error            ? 
_refine_ls_shell.number_reflns_all                ? 
_refine_ls_shell.number_reflns_obs                547 
_refine_ls_shell.redundancy_reflns_obs            ? 
_refine_ls_shell.pdbx_refine_id                   'X-RAY DIFFRACTION' 
# 
_struct.entry_id                  2OO2 
_struct.title                     'Crystal structure of protein AF1782 from Archaeoglobus fulgidus, Pfam DUF357' 
_struct.pdbx_model_details        ? 
_struct.pdbx_CASP_flag            ? 
_struct.pdbx_model_type_details   ? 
# 
_struct_keywords.entry_id        2OO2 
_struct_keywords.text            
;STRUCTURAL GENOMICS, UNKNOWN FUNCTION, PSI-2, Protein Structure Initiative, New York SGX Research Center for Structural Genomics, NYSGXRC
;
_struct_keywords.pdbx_keywords   'STRUCTURAL GENOMICS, UNKNOWN FUNCTION' 
# 
loop_
_struct_asym.id 
_struct_asym.pdbx_blank_PDB_chainid_flag 
_struct_asym.pdbx_modified 
_struct_asym.entity_id 
_struct_asym.details 
A N N 1 ? 
B N N 2 ? 
# 
_struct_ref.id                         1 
_struct_ref.db_name                    UNP 
_struct_ref.db_code                    O28492_ARCFU 
_struct_ref.pdbx_db_accession          O28492 
_struct_ref.entity_id                  1 
_struct_ref.pdbx_seq_one_letter_code   EEELRRETLKWLERIEERVKEIEGDEGFMRNIEAYISDSRYFLEKGDLVRAFECVVWAWAWLEIGLEVGKLHETA 
_struct_ref.pdbx_align_begin           2 
_struct_ref.pdbx_db_isoform            ? 
# 
_struct_ref_seq.align_id                      1 
_struct_ref_seq.ref_id                        1 
_struct_ref_seq.pdbx_PDB_id_code              2OO2 
_struct_ref_seq.pdbx_strand_id                A 
_struct_ref_seq.seq_align_beg                 4 
_struct_ref_seq.pdbx_seq_align_beg_ins_code   ? 
_struct_ref_seq.seq_align_end                 78 
_struct_ref_seq.pdbx_seq_align_end_ins_code   ? 
_struct_ref_seq.pdbx_db_accession             O28492 
_struct_ref_seq.db_align_beg                  2 
_struct_ref_seq.pdbx_db_align_beg_ins_code    ? 
_struct_ref_seq.db_align_end                  76 
_struct_ref_seq.pdbx_db_align_end_ins_code    ? 
_struct_ref_seq.pdbx_auth_seq_align_beg       2 
_struct_ref_seq.pdbx_auth_seq_align_end       76 
# 
loop_
_struct_ref_seq_dif.align_id 
_struct_ref_seq_dif.pdbx_pdb_id_code 
_struct_ref_seq_dif.mon_id 
_struct_ref_seq_dif.pdbx_pdb_strand_id 
_struct_ref_seq_dif.seq_num 
_struct_ref_seq_dif.pdbx_pdb_ins_code 
_struct_ref_seq_dif.pdbx_seq_db_name 
_struct_ref_seq_dif.pdbx_seq_db_accession_code 
_struct_ref_seq_dif.db_mon_id 
_struct_ref_seq_dif.pdbx_seq_db_seq_num 
_struct_ref_seq_dif.details 
_struct_ref_seq_dif.pdbx_auth_seq_num 
_struct_ref_seq_dif.pdbx_ordinal 
1 2OO2 MET A 1  ? UNP O28492 ? ? 'cloning artifact' -1 1  
1 2OO2 SER A 2  ? UNP O28492 ? ? 'cloning artifact' 0  2  
1 2OO2 LEU A 3  ? UNP O28492 ? ? 'cloning artifact' 1  3  
1 2OO2 GLU A 79 ? UNP O28492 ? ? 'cloning artifact' 77 4  
1 2OO2 GLY A 80 ? UNP O28492 ? ? 'cloning artifact' 78 5  
1 2OO2 HIS A 81 ? UNP O28492 ? ? 'cloning artifact' 79 6  
1 2OO2 HIS A 82 ? UNP O28492 ? ? 'cloning artifact' 80 7  
1 2OO2 HIS A 83 ? UNP O28492 ? ? 'cloning artifact' 81 8  
1 2OO2 HIS A 84 ? UNP O28492 ? ? 'cloning artifact' 82 9  
1 2OO2 HIS A 85 ? UNP O28492 ? ? 'cloning artifact' 83 10 
1 2OO2 HIS A 86 ? UNP O28492 ? ? 'cloning artifact' 84 11 
# 
_pdbx_struct_assembly.id                   1 
_pdbx_struct_assembly.details              author_and_software_defined_assembly 
_pdbx_struct_assembly.method_details       PISA,PQS 
_pdbx_struct_assembly.oligomeric_details   dimeric 
_pdbx_struct_assembly.oligomeric_count     2 
# 
loop_
_pdbx_struct_assembly_prop.biol_id 
_pdbx_struct_assembly_prop.type 
_pdbx_struct_assembly_prop.value 
_pdbx_struct_assembly_prop.details 
1 'ABSA (A^2)' 1970 ? 
1 MORE         -23  ? 
1 'SSA (A^2)'  8310 ? 
# 
_pdbx_struct_assembly_gen.assembly_id       1 
_pdbx_struct_assembly_gen.oper_expression   1,2 
_pdbx_struct_assembly_gen.asym_id_list      A,B 
# 
loop_
_pdbx_struct_oper_list.id 
_pdbx_struct_oper_list.type 
_pdbx_struct_oper_list.name 
_pdbx_struct_oper_list.symmetry_operation 
_pdbx_struct_oper_list.matrix[1][1] 
_pdbx_struct_oper_list.matrix[1][2] 
_pdbx_struct_oper_list.matrix[1][3] 
_pdbx_struct_oper_list.vector[1] 
_pdbx_struct_oper_list.matrix[2][1] 
_pdbx_struct_oper_list.matrix[2][2] 
_pdbx_struct_oper_list.matrix[2][3] 
_pdbx_struct_oper_list.vector[2] 
_pdbx_struct_oper_list.matrix[3][1] 
_pdbx_struct_oper_list.matrix[3][2] 
_pdbx_struct_oper_list.matrix[3][3] 
_pdbx_struct_oper_list.vector[3] 
1 'identity operation'         1_555 x,y,z     1.0000000000  0.0000000000 0.0000000000  0.0000000000   0.0000000000 1.0000000000 0.0000000000  0.0000000000 0.0000000000  0.0000000000  1.0000000000  0.0000000000 
2 'crystal symmetry operation' 2_655 -x+1,-y,z -0.7125707645 0.7015346165 -0.0095962182 -16.2782697201 0.7015346165 0.7122503816 -0.0234216929 6.6986719001 -0.0095962182 -0.0234216929 -0.9996796171 2.1362166860 
# 
_struct_biol.id                    1 
_struct_biol.details               ? 
_struct_biol.pdbx_parent_biol_id   ? 
# 
loop_
_struct_conf.conf_type_id 
_struct_conf.id 
_struct_conf.pdbx_PDB_helix_id 
_struct_conf.beg_label_comp_id 
_struct_conf.beg_label_asym_id 
_struct_conf.beg_label_seq_id 
_struct_conf.pdbx_beg_PDB_ins_code 
_struct_conf.end_label_comp_id 
_struct_conf.end_label_asym_id 
_struct_conf.end_label_seq_id 
_struct_conf.pdbx_end_PDB_ins_code 
_struct_conf.beg_auth_comp_id 
_struct_conf.beg_auth_asym_id 
_struct_conf.beg_auth_seq_id 
_struct_conf.end_auth_comp_id 
_struct_conf.end_auth_asym_id 
_struct_conf.end_auth_seq_id 
_struct_conf.pdbx_PDB_helix_class 
_struct_conf.details 
_struct_conf.pdbx_PDB_helix_length 
HELX_P HELX_P1 1 SER A 2  ? VAL A 22 ? SER A 0  VAL A 20 1 ? 21 
HELX_P HELX_P2 2 ASP A 28 ? LYS A 48 ? ASP A 26 LYS A 46 1 ? 21 
HELX_P HELX_P3 3 ASP A 50 ? VAL A 71 ? ASP A 48 VAL A 69 1 ? 22 
# 
_struct_conf_type.id          HELX_P 
_struct_conf_type.criteria    ? 
_struct_conf_type.reference   ? 
# 
_struct_sheet.id               A 
_struct_sheet.type             ? 
_struct_sheet.number_strands   2 
_struct_sheet.details          ? 
# 
_struct_sheet_order.sheet_id     A 
_struct_sheet_order.range_id_1   1 
_struct_sheet_order.range_id_2   2 
_struct_sheet_order.offset       ? 
_struct_sheet_order.sense        anti-parallel 
# 
loop_
_struct_sheet_range.sheet_id 
_struct_sheet_range.id 
_struct_sheet_range.beg_label_comp_id 
_struct_sheet_range.beg_label_asym_id 
_struct_sheet_range.beg_label_seq_id 
_struct_sheet_range.pdbx_beg_PDB_ins_code 
_struct_sheet_range.end_label_comp_id 
_struct_sheet_range.end_label_asym_id 
_struct_sheet_range.end_label_seq_id 
_struct_sheet_range.pdbx_end_PDB_ins_code 
_struct_sheet_range.beg_auth_comp_id 
_struct_sheet_range.beg_auth_asym_id 
_struct_sheet_range.beg_auth_seq_id 
_struct_sheet_range.end_auth_comp_id 
_struct_sheet_range.end_auth_asym_id 
_struct_sheet_range.end_auth_seq_id 
A 1 ILE A 25 ? GLY A 27 ? ILE A 23 GLY A 25 
A 2 LEU A 74 ? GLU A 76 ? LEU A 72 GLU A 74 
# 
_pdbx_struct_sheet_hbond.sheet_id                A 
_pdbx_struct_sheet_hbond.range_id_1              1 
_pdbx_struct_sheet_hbond.range_id_2              2 
_pdbx_struct_sheet_hbond.range_1_label_atom_id   N 
_pdbx_struct_sheet_hbond.range_1_label_comp_id   GLU 
_pdbx_struct_sheet_hbond.range_1_label_asym_id   A 
_pdbx_struct_sheet_hbond.range_1_label_seq_id    26 
_pdbx_struct_sheet_hbond.range_1_PDB_ins_code    ? 
_pdbx_struct_sheet_hbond.range_1_auth_atom_id    N 
_pdbx_struct_sheet_hbond.range_1_auth_comp_id    GLU 
_pdbx_struct_sheet_hbond.range_1_auth_asym_id    A 
_pdbx_struct_sheet_hbond.range_1_auth_seq_id     24 
_pdbx_struct_sheet_hbond.range_2_label_atom_id   O 
_pdbx_struct_sheet_hbond.range_2_label_comp_id   HIS 
_pdbx_struct_sheet_hbond.range_2_label_asym_id   A 
_pdbx_struct_sheet_hbond.range_2_label_seq_id    75 
_pdbx_struct_sheet_hbond.range_2_PDB_ins_code    ? 
_pdbx_struct_sheet_hbond.range_2_auth_atom_id    O 
_pdbx_struct_sheet_hbond.range_2_auth_comp_id    HIS 
_pdbx_struct_sheet_hbond.range_2_auth_asym_id    A 
_pdbx_struct_sheet_hbond.range_2_auth_seq_id     73 
# 
loop_
_pdbx_validate_rmsd_bond.id 
_pdbx_validate_rmsd_bond.PDB_model_num 
_pdbx_validate_rmsd_bond.auth_atom_id_1 
_pdbx_validate_rmsd_bond.auth_asym_id_1 
_pdbx_validate_rmsd_bond.auth_comp_id_1 
_pdbx_validate_rmsd_bond.auth_seq_id_1 
_pdbx_validate_rmsd_bond.PDB_ins_code_1 
_pdbx_validate_rmsd_bond.label_alt_id_1 
_pdbx_validate_rmsd_bond.auth_atom_id_2 
_pdbx_validate_rmsd_bond.auth_asym_id_2 
_pdbx_validate_rmsd_bond.auth_comp_id_2 
_pdbx_validate_rmsd_bond.auth_seq_id_2 
_pdbx_validate_rmsd_bond.PDB_ins_code_2 
_pdbx_validate_rmsd_bond.label_alt_id_2 
_pdbx_validate_rmsd_bond.bond_value 
_pdbx_validate_rmsd_bond.bond_target_value 
_pdbx_validate_rmsd_bond.bond_deviation 
_pdbx_validate_rmsd_bond.bond_standard_deviation 
_pdbx_validate_rmsd_bond.linker_flag 
1 1 CG A GLU 34 ? ? CD A GLU 34 ? ? 1.622 1.515 0.107 0.015 N 
2 1 C  A TYR 36 ? ? O  A TYR 36 ? ? 1.375 1.229 0.146 0.019 N 
3 1 C  A CYS 55 ? ? O  A CYS 55 ? ? 1.357 1.229 0.128 0.019 N 
# 
_pdbx_validate_rmsd_angle.id                         1 
_pdbx_validate_rmsd_angle.PDB_model_num              1 
_pdbx_validate_rmsd_angle.auth_atom_id_1             CB 
_pdbx_validate_rmsd_angle.auth_asym_id_1             A 
_pdbx_validate_rmsd_angle.auth_comp_id_1             ASP 
_pdbx_validate_rmsd_angle.auth_seq_id_1              48 
_pdbx_validate_rmsd_angle.PDB_ins_code_1             ? 
_pdbx_validate_rmsd_angle.label_alt_id_1             ? 
_pdbx_validate_rmsd_angle.auth_atom_id_2             CG 
_pdbx_validate_rmsd_angle.auth_asym_id_2             A 
_pdbx_validate_rmsd_angle.auth_comp_id_2             ASP 
_pdbx_validate_rmsd_angle.auth_seq_id_2              48 
_pdbx_validate_rmsd_angle.PDB_ins_code_2             ? 
_pdbx_validate_rmsd_angle.label_alt_id_2             ? 
_pdbx_validate_rmsd_angle.auth_atom_id_3             OD1 
_pdbx_validate_rmsd_angle.auth_asym_id_3             A 
_pdbx_validate_rmsd_angle.auth_comp_id_3             ASP 
_pdbx_validate_rmsd_angle.auth_seq_id_3              48 
_pdbx_validate_rmsd_angle.PDB_ins_code_3             ? 
_pdbx_validate_rmsd_angle.label_alt_id_3             ? 
_pdbx_validate_rmsd_angle.angle_value                124.50 
_pdbx_validate_rmsd_angle.angle_target_value         118.30 
_pdbx_validate_rmsd_angle.angle_deviation            6.20 
_pdbx_validate_rmsd_angle.angle_standard_deviation   0.90 
_pdbx_validate_rmsd_angle.linker_flag                N 
# 
_pdbx_SG_project.id                    1 
_pdbx_SG_project.project_name          'PSI, Protein Structure Initiative' 
_pdbx_SG_project.full_name_of_center   'New York SGX Research Center for Structural Genomics' 
_pdbx_SG_project.initial_of_center     NYSGXRC 
# 
_pdbx_database_remark.id     300 
_pdbx_database_remark.text   
;
BIOMOLECULE: 1
THIS ENTRY CONTAINS THE CRYSTALLOGRAPHIC ASYMMETRIC UNIT
WHICH CONSISTS OF 1 CHAIN(S). SEE REMARK 350 FOR
INFORMATION ON GENERATING THE BIOLOGICAL MOLECULE(S).
AUTHORS STATE THAT THIS IS A PROBABLE DIMER.
;
# 
loop_
_pdbx_unobs_or_zero_occ_residues.id 
_pdbx_unobs_or_zero_occ_residues.PDB_model_num 
_pdbx_unobs_or_zero_occ_residues.polymer_flag 
_pdbx_unobs_or_zero_occ_residues.occupancy_flag 
_pdbx_unobs_or_zero_occ_residues.auth_asym_id 
_pdbx_unobs_or_zero_occ_residues.auth_comp_id 
_pdbx_unobs_or_zero_occ_residues.auth_seq_id 
_pdbx_unobs_or_zero_occ_residues.PDB_ins_code 
_pdbx_unobs_or_zero_occ_residues.label_asym_id 
_pdbx_unobs_or_zero_occ_residues.label_comp_id 
_pdbx_unobs_or_zero_occ_residues.label_seq_id 
1  1 Y 1 A MET -1 ? A MET 1  
2  1 Y 1 A ALA 76 ? A ALA 78 
3  1 Y 1 A GLU 77 ? A GLU 79 
4  1 Y 1 A GLY 78 ? A GLY 80 
5  1 Y 1 A HIS 79 ? A HIS 81 
6  1 Y 1 A HIS 80 ? A HIS 82 
7  1 Y 1 A HIS 81 ? A HIS 83 
8  1 Y 1 A HIS 82 ? A HIS 84 
9  1 Y 1 A HIS 83 ? A HIS 85 
10 1 Y 1 A HIS 84 ? A HIS 86 
# 
loop_
_chem_comp_atom.comp_id 
_chem_comp_atom.atom_id 
_chem_comp_atom.type_symbol 
_chem_comp_atom.pdbx_aromatic_flag 
_chem_comp_atom.pdbx_stereo_config 
_chem_comp_atom.pdbx_ordinal 
ALA N    N N N 1   
ALA CA   C N S 2   
ALA C    C N N 3   
ALA O    O N N 4   
ALA CB   C N N 5   
ALA OXT  O N N 6   
ALA H    H N N 7   
ALA H2   H N N 8   
ALA HA   H N N 9   
ALA HB1  H N N 10  
ALA HB2  H N N 11  
ALA HB3  H N N 12  
ALA HXT  H N N 13  
ARG N    N N N 14  
ARG CA   C N S 15  
ARG C    C N N 16  
ARG O    O N N 17  
ARG CB   C N N 18  
ARG CG   C N N 19  
ARG CD   C N N 20  
ARG NE   N N N 21  
ARG CZ   C N N 22  
ARG NH1  N N N 23  
ARG NH2  N N N 24  
ARG OXT  O N N 25  
ARG H    H N N 26  
ARG H2   H N N 27  
ARG HA   H N N 28  
ARG HB2  H N N 29  
ARG HB3  H N N 30  
ARG HG2  H N N 31  
ARG HG3  H N N 32  
ARG HD2  H N N 33  
ARG HD3  H N N 34  
ARG HE   H N N 35  
ARG HH11 H N N 36  
ARG HH12 H N N 37  
ARG HH21 H N N 38  
ARG HH22 H N N 39  
ARG HXT  H N N 40  
ASN N    N N N 41  
ASN CA   C N S 42  
ASN C    C N N 43  
ASN O    O N N 44  
ASN CB   C N N 45  
ASN CG   C N N 46  
ASN OD1  O N N 47  
ASN ND2  N N N 48  
ASN OXT  O N N 49  
ASN H    H N N 50  
ASN H2   H N N 51  
ASN HA   H N N 52  
ASN HB2  H N N 53  
ASN HB3  H N N 54  
ASN HD21 H N N 55  
ASN HD22 H N N 56  
ASN HXT  H N N 57  
ASP N    N N N 58  
ASP CA   C N S 59  
ASP C    C N N 60  
ASP O    O N N 61  
ASP CB   C N N 62  
ASP CG   C N N 63  
ASP OD1  O N N 64  
ASP OD2  O N N 65  
ASP OXT  O N N 66  
ASP H    H N N 67  
ASP H2   H N N 68  
ASP HA   H N N 69  
ASP HB2  H N N 70  
ASP HB3  H N N 71  
ASP HD2  H N N 72  
ASP HXT  H N N 73  
CYS N    N N N 74  
CYS CA   C N R 75  
CYS C    C N N 76  
CYS O    O N N 77  
CYS CB   C N N 78  
CYS SG   S N N 79  
CYS OXT  O N N 80  
CYS H    H N N 81  
CYS H2   H N N 82  
CYS HA   H N N 83  
CYS HB2  H N N 84  
CYS HB3  H N N 85  
CYS HG   H N N 86  
CYS HXT  H N N 87  
GLU N    N N N 88  
GLU CA   C N S 89  
GLU C    C N N 90  
GLU O    O N N 91  
GLU CB   C N N 92  
GLU CG   C N N 93  
GLU CD   C N N 94  
GLU OE1  O N N 95  
GLU OE2  O N N 96  
GLU OXT  O N N 97  
GLU H    H N N 98  
GLU H2   H N N 99  
GLU HA   H N N 100 
GLU HB2  H N N 101 
GLU HB3  H N N 102 
GLU HG2  H N N 103 
GLU HG3  H N N 104 
GLU HE2  H N N 105 
GLU HXT  H N N 106 
GLY N    N N N 107 
GLY CA   C N N 108 
GLY C    C N N 109 
GLY O    O N N 110 
GLY OXT  O N N 111 
GLY H    H N N 112 
GLY H2   H N N 113 
GLY HA2  H N N 114 
GLY HA3  H N N 115 
GLY HXT  H N N 116 
HIS N    N N N 117 
HIS CA   C N S 118 
HIS C    C N N 119 
HIS O    O N N 120 
HIS CB   C N N 121 
HIS CG   C Y N 122 
HIS ND1  N Y N 123 
HIS CD2  C Y N 124 
HIS CE1  C Y N 125 
HIS NE2  N Y N 126 
HIS OXT  O N N 127 
HIS H    H N N 128 
HIS H2   H N N 129 
HIS HA   H N N 130 
HIS HB2  H N N 131 
HIS HB3  H N N 132 
HIS HD1  H N N 133 
HIS HD2  H N N 134 
HIS HE1  H N N 135 
HIS HE2  H N N 136 
HIS HXT  H N N 137 
HOH O    O N N 138 
HOH H1   H N N 139 
HOH H2   H N N 140 
ILE N    N N N 141 
ILE CA   C N S 142 
ILE C    C N N 143 
ILE O    O N N 144 
ILE CB   C N S 145 
ILE CG1  C N N 146 
ILE CG2  C N N 147 
ILE CD1  C N N 148 
ILE OXT  O N N 149 
ILE H    H N N 150 
ILE H2   H N N 151 
ILE HA   H N N 152 
ILE HB   H N N 153 
ILE HG12 H N N 154 
ILE HG13 H N N 155 
ILE HG21 H N N 156 
ILE HG22 H N N 157 
ILE HG23 H N N 158 
ILE HD11 H N N 159 
ILE HD12 H N N 160 
ILE HD13 H N N 161 
ILE HXT  H N N 162 
LEU N    N N N 163 
LEU CA   C N S 164 
LEU C    C N N 165 
LEU O    O N N 166 
LEU CB   C N N 167 
LEU CG   C N N 168 
LEU CD1  C N N 169 
LEU CD2  C N N 170 
LEU OXT  O N N 171 
LEU H    H N N 172 
LEU H2   H N N 173 
LEU HA   H N N 174 
LEU HB2  H N N 175 
LEU HB3  H N N 176 
LEU HG   H N N 177 
LEU HD11 H N N 178 
LEU HD12 H N N 179 
LEU HD13 H N N 180 
LEU HD21 H N N 181 
LEU HD22 H N N 182 
LEU HD23 H N N 183 
LEU HXT  H N N 184 
LYS N    N N N 185 
LYS CA   C N S 186 
LYS C    C N N 187 
LYS O    O N N 188 
LYS CB   C N N 189 
LYS CG   C N N 190 
LYS CD   C N N 191 
LYS CE   C N N 192 
LYS NZ   N N N 193 
LYS OXT  O N N 194 
LYS H    H N N 195 
LYS H2   H N N 196 
LYS HA   H N N 197 
LYS HB2  H N N 198 
LYS HB3  H N N 199 
LYS HG2  H N N 200 
LYS HG3  H N N 201 
LYS HD2  H N N 202 
LYS HD3  H N N 203 
LYS HE2  H N N 204 
LYS HE3  H N N 205 
LYS HZ1  H N N 206 
LYS HZ2  H N N 207 
LYS HZ3  H N N 208 
LYS HXT  H N N 209 
MET N    N N N 210 
MET CA   C N S 211 
MET C    C N N 212 
MET O    O N N 213 
MET CB   C N N 214 
MET CG   C N N 215 
MET SD   S N N 216 
MET CE   C N N 217 
MET OXT  O N N 218 
MET H    H N N 219 
MET H2   H N N 220 
MET HA   H N N 221 
MET HB2  H N N 222 
MET HB3  H N N 223 
MET HG2  H N N 224 
MET HG3  H N N 225 
MET HE1  H N N 226 
MET HE2  H N N 227 
MET HE3  H N N 228 
MET HXT  H N N 229 
PHE N    N N N 230 
PHE CA   C N S 231 
PHE C    C N N 232 
PHE O    O N N 233 
PHE CB   C N N 234 
PHE CG   C Y N 235 
PHE CD1  C Y N 236 
PHE CD2  C Y N 237 
PHE CE1  C Y N 238 
PHE CE2  C Y N 239 
PHE CZ   C Y N 240 
PHE OXT  O N N 241 
PHE H    H N N 242 
PHE H2   H N N 243 
PHE HA   H N N 244 
PHE HB2  H N N 245 
PHE HB3  H N N 246 
PHE HD1  H N N 247 
PHE HD2  H N N 248 
PHE HE1  H N N 249 
PHE HE2  H N N 250 
PHE HZ   H N N 251 
PHE HXT  H N N 252 
SER N    N N N 253 
SER CA   C N S 254 
SER C    C N N 255 
SER O    O N N 256 
SER CB   C N N 257 
SER OG   O N N 258 
SER OXT  O N N 259 
SER H    H N N 260 
SER H2   H N N 261 
SER HA   H N N 262 
SER HB2  H N N 263 
SER HB3  H N N 264 
SER HG   H N N 265 
SER HXT  H N N 266 
THR N    N N N 267 
THR CA   C N S 268 
THR C    C N N 269 
THR O    O N N 270 
THR CB   C N R 271 
THR OG1  O N N 272 
THR CG2  C N N 273 
THR OXT  O N N 274 
THR H    H N N 275 
THR H2   H N N 276 
THR HA   H N N 277 
THR HB   H N N 278 
THR HG1  H N N 279 
THR HG21 H N N 280 
THR HG22 H N N 281 
THR HG23 H N N 282 
THR HXT  H N N 283 
TRP N    N N N 284 
TRP CA   C N S 285 
TRP C    C N N 286 
TRP O    O N N 287 
TRP CB   C N N 288 
TRP CG   C Y N 289 
TRP CD1  C Y N 290 
TRP CD2  C Y N 291 
TRP NE1  N Y N 292 
TRP CE2  C Y N 293 
TRP CE3  C Y N 294 
TRP CZ2  C Y N 295 
TRP CZ3  C Y N 296 
TRP CH2  C Y N 297 
TRP OXT  O N N 298 
TRP H    H N N 299 
TRP H2   H N N 300 
TRP HA   H N N 301 
TRP HB2  H N N 302 
TRP HB3  H N N 303 
TRP HD1  H N N 304 
TRP HE1  H N N 305 
TRP HE3  H N N 306 
TRP HZ2  H N N 307 
TRP HZ3  H N N 308 
TRP HH2  H N N 309 
TRP HXT  H N N 310 
TYR N    N N N 311 
TYR CA   C N S 312 
TYR C    C N N 313 
TYR O    O N N 314 
TYR CB   C N N 315 
TYR CG   C Y N 316 
TYR CD1  C Y N 317 
TYR CD2  C Y N 318 
TYR CE1  C Y N 319 
TYR CE2  C Y N 320 
TYR CZ   C Y N 321 
TYR OH   O N N 322 
TYR OXT  O N N 323 
TYR H    H N N 324 
TYR H2   H N N 325 
TYR HA   H N N 326 
TYR HB2  H N N 327 
TYR HB3  H N N 328 
TYR HD1  H N N 329 
TYR HD2  H N N 330 
TYR HE1  H N N 331 
TYR HE2  H N N 332 
TYR HH   H N N 333 
TYR HXT  H N N 334 
VAL N    N N N 335 
VAL CA   C N S 336 
VAL C    C N N 337 
VAL O    O N N 338 
VAL CB   C N N 339 
VAL CG1  C N N 340 
VAL CG2  C N N 341 
VAL OXT  O N N 342 
VAL H    H N N 343 
VAL H2   H N N 344 
VAL HA   H N N 345 
VAL HB   H N N 346 
VAL HG11 H N N 347 
VAL HG12 H N N 348 
VAL HG13 H N N 349 
VAL HG21 H N N 350 
VAL HG22 H N N 351 
VAL HG23 H N N 352 
VAL HXT  H N N 353 
# 
loop_
_chem_comp_bond.comp_id 
_chem_comp_bond.atom_id_1 
_chem_comp_bond.atom_id_2 
_chem_comp_bond.value_order 
_chem_comp_bond.pdbx_aromatic_flag 
_chem_comp_bond.pdbx_stereo_config 
_chem_comp_bond.pdbx_ordinal 
ALA N   CA   sing N N 1   
ALA N   H    sing N N 2   
ALA N   H2   sing N N 3   
ALA CA  C    sing N N 4   
ALA CA  CB   sing N N 5   
ALA CA  HA   sing N N 6   
ALA C   O    doub N N 7   
ALA C   OXT  sing N N 8   
ALA CB  HB1  sing N N 9   
ALA CB  HB2  sing N N 10  
ALA CB  HB3  sing N N 11  
ALA OXT HXT  sing N N 12  
ARG N   CA   sing N N 13  
ARG N   H    sing N N 14  
ARG N   H2   sing N N 15  
ARG CA  C    sing N N 16  
ARG CA  CB   sing N N 17  
ARG CA  HA   sing N N 18  
ARG C   O    doub N N 19  
ARG C   OXT  sing N N 20  
ARG CB  CG   sing N N 21  
ARG CB  HB2  sing N N 22  
ARG CB  HB3  sing N N 23  
ARG CG  CD   sing N N 24  
ARG CG  HG2  sing N N 25  
ARG CG  HG3  sing N N 26  
ARG CD  NE   sing N N 27  
ARG CD  HD2  sing N N 28  
ARG CD  HD3  sing N N 29  
ARG NE  CZ   sing N N 30  
ARG NE  HE   sing N N 31  
ARG CZ  NH1  sing N N 32  
ARG CZ  NH2  doub N N 33  
ARG NH1 HH11 sing N N 34  
ARG NH1 HH12 sing N N 35  
ARG NH2 HH21 sing N N 36  
ARG NH2 HH22 sing N N 37  
ARG OXT HXT  sing N N 38  
ASN N   CA   sing N N 39  
ASN N   H    sing N N 40  
ASN N   H2   sing N N 41  
ASN CA  C    sing N N 42  
ASN CA  CB   sing N N 43  
ASN CA  HA   sing N N 44  
ASN C   O    doub N N 45  
ASN C   OXT  sing N N 46  
ASN CB  CG   sing N N 47  
ASN CB  HB2  sing N N 48  
ASN CB  HB3  sing N N 49  
ASN CG  OD1  doub N N 50  
ASN CG  ND2  sing N N 51  
ASN ND2 HD21 sing N N 52  
ASN ND2 HD22 sing N N 53  
ASN OXT HXT  sing N N 54  
ASP N   CA   sing N N 55  
ASP N   H    sing N N 56  
ASP N   H2   sing N N 57  
ASP CA  C    sing N N 58  
ASP CA  CB   sing N N 59  
ASP CA  HA   sing N N 60  
ASP C   O    doub N N 61  
ASP C   OXT  sing N N 62  
ASP CB  CG   sing N N 63  
ASP CB  HB2  sing N N 64  
ASP CB  HB3  sing N N 65  
ASP CG  OD1  doub N N 66  
ASP CG  OD2  sing N N 67  
ASP OD2 HD2  sing N N 68  
ASP OXT HXT  sing N N 69  
CYS N   CA   sing N N 70  
CYS N   H    sing N N 71  
CYS N   H2   sing N N 72  
CYS CA  C    sing N N 73  
CYS CA  CB   sing N N 74  
CYS CA  HA   sing N N 75  
CYS C   O    doub N N 76  
CYS C   OXT  sing N N 77  
CYS CB  SG   sing N N 78  
CYS CB  HB2  sing N N 79  
CYS CB  HB3  sing N N 80  
CYS SG  HG   sing N N 81  
CYS OXT HXT  sing N N 82  
GLU N   CA   sing N N 83  
GLU N   H    sing N N 84  
GLU N   H2   sing N N 85  
GLU CA  C    sing N N 86  
GLU CA  CB   sing N N 87  
GLU CA  HA   sing N N 88  
GLU C   O    doub N N 89  
GLU C   OXT  sing N N 90  
GLU CB  CG   sing N N 91  
GLU CB  HB2  sing N N 92  
GLU CB  HB3  sing N N 93  
GLU CG  CD   sing N N 94  
GLU CG  HG2  sing N N 95  
GLU CG  HG3  sing N N 96  
GLU CD  OE1  doub N N 97  
GLU CD  OE2  sing N N 98  
GLU OE2 HE2  sing N N 99  
GLU OXT HXT  sing N N 100 
GLY N   CA   sing N N 101 
GLY N   H    sing N N 102 
GLY N   H2   sing N N 103 
GLY CA  C    sing N N 104 
GLY CA  HA2  sing N N 105 
GLY CA  HA3  sing N N 106 
GLY C   O    doub N N 107 
GLY C   OXT  sing N N 108 
GLY OXT HXT  sing N N 109 
HIS N   CA   sing N N 110 
HIS N   H    sing N N 111 
HIS N   H2   sing N N 112 
HIS CA  C    sing N N 113 
HIS CA  CB   sing N N 114 
HIS CA  HA   sing N N 115 
HIS C   O    doub N N 116 
HIS C   OXT  sing N N 117 
HIS CB  CG   sing N N 118 
HIS CB  HB2  sing N N 119 
HIS CB  HB3  sing N N 120 
HIS CG  ND1  sing Y N 121 
HIS CG  CD2  doub Y N 122 
HIS ND1 CE1  doub Y N 123 
HIS ND1 HD1  sing N N 124 
HIS CD2 NE2  sing Y N 125 
HIS CD2 HD2  sing N N 126 
HIS CE1 NE2  sing Y N 127 
HIS CE1 HE1  sing N N 128 
HIS NE2 HE2  sing N N 129 
HIS OXT HXT  sing N N 130 
HOH O   H1   sing N N 131 
HOH O   H2   sing N N 132 
ILE N   CA   sing N N 133 
ILE N   H    sing N N 134 
ILE N   H2   sing N N 135 
ILE CA  C    sing N N 136 
ILE CA  CB   sing N N 137 
ILE CA  HA   sing N N 138 
ILE C   O    doub N N 139 
ILE C   OXT  sing N N 140 
ILE CB  CG1  sing N N 141 
ILE CB  CG2  sing N N 142 
ILE CB  HB   sing N N 143 
ILE CG1 CD1  sing N N 144 
ILE CG1 HG12 sing N N 145 
ILE CG1 HG13 sing N N 146 
ILE CG2 HG21 sing N N 147 
ILE CG2 HG22 sing N N 148 
ILE CG2 HG23 sing N N 149 
ILE CD1 HD11 sing N N 150 
ILE CD1 HD12 sing N N 151 
ILE CD1 HD13 sing N N 152 
ILE OXT HXT  sing N N 153 
LEU N   CA   sing N N 154 
LEU N   H    sing N N 155 
LEU N   H2   sing N N 156 
LEU CA  C    sing N N 157 
LEU CA  CB   sing N N 158 
LEU CA  HA   sing N N 159 
LEU C   O    doub N N 160 
LEU C   OXT  sing N N 161 
LEU CB  CG   sing N N 162 
LEU CB  HB2  sing N N 163 
LEU CB  HB3  sing N N 164 
LEU CG  CD1  sing N N 165 
LEU CG  CD2  sing N N 166 
LEU CG  HG   sing N N 167 
LEU CD1 HD11 sing N N 168 
LEU CD1 HD12 sing N N 169 
LEU CD1 HD13 sing N N 170 
LEU CD2 HD21 sing N N 171 
LEU CD2 HD22 sing N N 172 
LEU CD2 HD23 sing N N 173 
LEU OXT HXT  sing N N 174 
LYS N   CA   sing N N 175 
LYS N   H    sing N N 176 
LYS N   H2   sing N N 177 
LYS CA  C    sing N N 178 
LYS CA  CB   sing N N 179 
LYS CA  HA   sing N N 180 
LYS C   O    doub N N 181 
LYS C   OXT  sing N N 182 
LYS CB  CG   sing N N 183 
LYS CB  HB2  sing N N 184 
LYS CB  HB3  sing N N 185 
LYS CG  CD   sing N N 186 
LYS CG  HG2  sing N N 187 
LYS CG  HG3  sing N N 188 
LYS CD  CE   sing N N 189 
LYS CD  HD2  sing N N 190 
LYS CD  HD3  sing N N 191 
LYS CE  NZ   sing N N 192 
LYS CE  HE2  sing N N 193 
LYS CE  HE3  sing N N 194 
LYS NZ  HZ1  sing N N 195 
LYS NZ  HZ2  sing N N 196 
LYS NZ  HZ3  sing N N 197 
LYS OXT HXT  sing N N 198 
MET N   CA   sing N N 199 
MET N   H    sing N N 200 
MET N   H2   sing N N 201 
MET CA  C    sing N N 202 
MET CA  CB   sing N N 203 
MET CA  HA   sing N N 204 
MET C   O    doub N N 205 
MET C   OXT  sing N N 206 
MET CB  CG   sing N N 207 
MET CB  HB2  sing N N 208 
MET CB  HB3  sing N N 209 
MET CG  SD   sing N N 210 
MET CG  HG2  sing N N 211 
MET CG  HG3  sing N N 212 
MET SD  CE   sing N N 213 
MET CE  HE1  sing N N 214 
MET CE  HE2  sing N N 215 
MET CE  HE3  sing N N 216 
MET OXT HXT  sing N N 217 
PHE N   CA   sing N N 218 
PHE N   H    sing N N 219 
PHE N   H2   sing N N 220 
PHE CA  C    sing N N 221 
PHE CA  CB   sing N N 222 
PHE CA  HA   sing N N 223 
PHE C   O    doub N N 224 
PHE C   OXT  sing N N 225 
PHE CB  CG   sing N N 226 
PHE CB  HB2  sing N N 227 
PHE CB  HB3  sing N N 228 
PHE CG  CD1  doub Y N 229 
PHE CG  CD2  sing Y N 230 
PHE CD1 CE1  sing Y N 231 
PHE CD1 HD1  sing N N 232 
PHE CD2 CE2  doub Y N 233 
PHE CD2 HD2  sing N N 234 
PHE CE1 CZ   doub Y N 235 
PHE CE1 HE1  sing N N 236 
PHE CE2 CZ   sing Y N 237 
PHE CE2 HE2  sing N N 238 
PHE CZ  HZ   sing N N 239 
PHE OXT HXT  sing N N 240 
SER N   CA   sing N N 241 
SER N   H    sing N N 242 
SER N   H2   sing N N 243 
SER CA  C    sing N N 244 
SER CA  CB   sing N N 245 
SER CA  HA   sing N N 246 
SER C   O    doub N N 247 
SER C   OXT  sing N N 248 
SER CB  OG   sing N N 249 
SER CB  HB2  sing N N 250 
SER CB  HB3  sing N N 251 
SER OG  HG   sing N N 252 
SER OXT HXT  sing N N 253 
THR N   CA   sing N N 254 
THR N   H    sing N N 255 
THR N   H2   sing N N 256 
THR CA  C    sing N N 257 
THR CA  CB   sing N N 258 
THR CA  HA   sing N N 259 
THR C   O    doub N N 260 
THR C   OXT  sing N N 261 
THR CB  OG1  sing N N 262 
THR CB  CG2  sing N N 263 
THR CB  HB   sing N N 264 
THR OG1 HG1  sing N N 265 
THR CG2 HG21 sing N N 266 
THR CG2 HG22 sing N N 267 
THR CG2 HG23 sing N N 268 
THR OXT HXT  sing N N 269 
TRP N   CA   sing N N 270 
TRP N   H    sing N N 271 
TRP N   H2   sing N N 272 
TRP CA  C    sing N N 273 
TRP CA  CB   sing N N 274 
TRP CA  HA   sing N N 275 
TRP C   O    doub N N 276 
TRP C   OXT  sing N N 277 
TRP CB  CG   sing N N 278 
TRP CB  HB2  sing N N 279 
TRP CB  HB3  sing N N 280 
TRP CG  CD1  doub Y N 281 
TRP CG  CD2  sing Y N 282 
TRP CD1 NE1  sing Y N 283 
TRP CD1 HD1  sing N N 284 
TRP CD2 CE2  doub Y N 285 
TRP CD2 CE3  sing Y N 286 
TRP NE1 CE2  sing Y N 287 
TRP NE1 HE1  sing N N 288 
TRP CE2 CZ2  sing Y N 289 
TRP CE3 CZ3  doub Y N 290 
TRP CE3 HE3  sing N N 291 
TRP CZ2 CH2  doub Y N 292 
TRP CZ2 HZ2  sing N N 293 
TRP CZ3 CH2  sing Y N 294 
TRP CZ3 HZ3  sing N N 295 
TRP CH2 HH2  sing N N 296 
TRP OXT HXT  sing N N 297 
TYR N   CA   sing N N 298 
TYR N   H    sing N N 299 
TYR N   H2   sing N N 300 
TYR CA  C    sing N N 301 
TYR CA  CB   sing N N 302 
TYR CA  HA   sing N N 303 
TYR C   O    doub N N 304 
TYR C   OXT  sing N N 305 
TYR CB  CG   sing N N 306 
TYR CB  HB2  sing N N 307 
TYR CB  HB3  sing N N 308 
TYR CG  CD1  doub Y N 309 
TYR CG  CD2  sing Y N 310 
TYR CD1 CE1  sing Y N 311 
TYR CD1 HD1  sing N N 312 
TYR CD2 CE2  doub Y N 313 
TYR CD2 HD2  sing N N 314 
TYR CE1 CZ   doub Y N 315 
TYR CE1 HE1  sing N N 316 
TYR CE2 CZ   sing Y N 317 
TYR CE2 HE2  sing N N 318 
TYR CZ  OH   sing N N 319 
TYR OH  HH   sing N N 320 
TYR OXT HXT  sing N N 321 
VAL N   CA   sing N N 322 
VAL N   H    sing N N 323 
VAL N   H2   sing N N 324 
VAL CA  C    sing N N 325 
VAL CA  CB   sing N N 326 
VAL CA  HA   sing N N 327 
VAL C   O    doub N N 328 
VAL C   OXT  sing N N 329 
VAL CB  CG1  sing N N 330 
VAL CB  CG2  sing N N 331 
VAL CB  HB   sing N N 332 
VAL CG1 HG11 sing N N 333 
VAL CG1 HG12 sing N N 334 
VAL CG1 HG13 sing N N 335 
VAL CG2 HG21 sing N N 336 
VAL CG2 HG22 sing N N 337 
VAL CG2 HG23 sing N N 338 
VAL OXT HXT  sing N N 339 
# 
_atom_sites.entry_id                    2OO2 
_atom_sites.fract_transf_matrix[1][1]   -0.02069308 
_atom_sites.fract_transf_matrix[1][2]   0.00845754 
_atom_sites.fract_transf_matrix[1][3]   -0.00151504 
_atom_sites.fract_transf_matrix[2][1]   -0.00124404 
_atom_sites.fract_transf_matrix[2][2]   0.00080348 
_atom_sites.fract_transf_matrix[2][3]   0.02147700 
_atom_sites.fract_transf_matrix[3][1]   0.00877989 
_atom_sites.fract_transf_matrix[3][2]   0.02142926 
_atom_sites.fract_transf_matrix[3][3]   -0.00029313 
_atom_sites.fract_transf_vector[1]      0.304868 
_atom_sites.fract_transf_vector[2]      -0.035756 
_atom_sites.fract_transf_vector[3]      -0.095548 
# 
loop_
_atom_type.symbol 
C 
N 
O 
S 
# 
loop_
_atom_site.group_PDB 
_atom_site.id 
_atom_site.type_symbol 
_atom_site.label_atom_id 
_atom_site.label_alt_id 
_atom_site.label_comp_id 
_atom_site.label_asym_id 
_atom_site.label_entity_id 
_atom_site.label_seq_id 
_atom_site.pdbx_PDB_ins_code 
_atom_site.Cartn_x 
_atom_site.Cartn_y 
_atom_site.Cartn_z 
_atom_site.occupancy 
_atom_site.B_iso_or_equiv 
_atom_site.pdbx_formal_charge 
_atom_site.auth_seq_id 
_atom_site.auth_comp_id 
_atom_site.auth_asym_id 
_atom_site.auth_atom_id 
_atom_site.pdbx_PDB_model_num 
ATOM   1   N N   . SER A 1 2  ? 3.942   22.158  4.386   1.00 50.51 ? 0   SER A N   1 
ATOM   2   C CA  . SER A 1 2  ? 3.349   21.645  5.656   1.00 51.82 ? 0   SER A CA  1 
ATOM   3   C C   . SER A 1 2  ? 2.204   20.652  5.463   1.00 50.97 ? 0   SER A C   1 
ATOM   4   O O   . SER A 1 2  ? 2.199   19.599  6.098   1.00 51.12 ? 0   SER A O   1 
ATOM   5   C CB  . SER A 1 2  ? 2.843   22.734  6.553   1.00 51.80 ? 0   SER A CB  1 
ATOM   6   O OG  . SER A 1 2  ? 2.462   22.092  7.777   1.00 55.45 ? 0   SER A OG  1 
ATOM   7   N N   . LEU A 1 3  ? 1.219   20.997  4.638   1.00 50.13 ? 1   LEU A N   1 
ATOM   8   C CA  . LEU A 1 3  ? 0.341   19.970  4.094   1.00 48.51 ? 1   LEU A CA  1 
ATOM   9   C C   . LEU A 1 3  ? 1.144   19.042  3.163   1.00 47.90 ? 1   LEU A C   1 
ATOM   10  O O   . LEU A 1 3  ? 0.912   17.821  3.124   1.00 47.54 ? 1   LEU A O   1 
ATOM   11  C CB  . LEU A 1 3  ? -0.852  20.605  3.383   1.00 49.08 ? 1   LEU A CB  1 
ATOM   12  C CG  . LEU A 1 3  ? -2.153  19.808  3.290   1.00 48.97 ? 1   LEU A CG  1 
ATOM   13  C CD1 . LEU A 1 3  ? -2.527  19.252  4.633   1.00 50.87 ? 1   LEU A CD1 1 
ATOM   14  C CD2 . LEU A 1 3  ? -3.295  20.664  2.751   1.00 48.64 ? 1   LEU A CD2 1 
ATOM   15  N N   . GLU A 1 4  ? 2.112   19.594  2.435   1.00 46.50 ? 2   GLU A N   1 
ATOM   16  C CA  . GLU A 1 4  ? 2.994   18.790  1.569   1.00 47.01 ? 2   GLU A CA  1 
ATOM   17  C C   . GLU A 1 4  ? 3.850   17.887  2.416   1.00 46.14 ? 2   GLU A C   1 
ATOM   18  O O   . GLU A 1 4  ? 4.033   16.722  2.092   1.00 44.23 ? 2   GLU A O   1 
ATOM   19  C CB  . GLU A 1 4  ? 3.944   19.650  0.739   1.00 47.40 ? 2   GLU A CB  1 
ATOM   20  C CG  . GLU A 1 4  ? 3.358   20.956  0.301   1.00 53.27 ? 2   GLU A CG  1 
ATOM   21  C CD  . GLU A 1 4  ? 3.909   21.398  -1.060  1.00 60.60 ? 2   GLU A CD  1 
ATOM   22  O OE1 . GLU A 1 4  ? 5.155   21.263  -1.270  1.00 59.25 ? 2   GLU A OE1 1 
ATOM   23  O OE2 . GLU A 1 4  ? 3.080   21.867  -1.902  1.00 62.98 ? 2   GLU A OE2 1 
ATOM   24  N N   . GLU A 1 5  ? 4.424   18.477  3.464   1.00 45.36 ? 3   GLU A N   1 
ATOM   25  C CA  . GLU A 1 5  ? 5.150   17.758  4.527   1.00 46.71 ? 3   GLU A CA  1 
ATOM   26  C C   . GLU A 1 5  ? 4.334   16.631  5.188   1.00 44.24 ? 3   GLU A C   1 
ATOM   27  O O   . GLU A 1 5  ? 4.826   15.537  5.324   1.00 44.36 ? 3   GLU A O   1 
ATOM   28  C CB  . GLU A 1 5  ? 5.616   18.760  5.585   1.00 46.35 ? 3   GLU A CB  1 
ATOM   29  C CG  . GLU A 1 5  ? 6.353   18.184  6.775   1.00 49.73 ? 3   GLU A CG  1 
ATOM   30  C CD  . GLU A 1 5  ? 6.992   19.292  7.648   1.00 51.25 ? 3   GLU A CD  1 
ATOM   31  O OE1 . GLU A 1 5  ? 6.753   19.303  8.887   1.00 55.98 ? 3   GLU A OE1 1 
ATOM   32  O OE2 . GLU A 1 5  ? 7.704   20.168  7.073   1.00 56.68 ? 3   GLU A OE2 1 
ATOM   33  N N   . GLU A 1 6  ? 3.096   16.915  5.577   1.00 42.71 ? 4   GLU A N   1 
ATOM   34  C CA  . GLU A 1 6  ? 2.265   15.943  6.239   1.00 43.57 ? 4   GLU A CA  1 
ATOM   35  C C   . GLU A 1 6  ? 1.980   14.767  5.273   1.00 41.51 ? 4   GLU A C   1 
ATOM   36  O O   . GLU A 1 6  ? 2.171   13.622  5.663   1.00 41.71 ? 4   GLU A O   1 
ATOM   37  C CB  . GLU A 1 6  ? 0.978   16.563  6.815   1.00 43.14 ? 4   GLU A CB  1 
ATOM   38  C CG  . GLU A 1 6  ? 0.238   15.548  7.713   1.00 47.14 ? 4   GLU A CG  1 
ATOM   39  C CD  . GLU A 1 6  ? -1.163  15.966  8.226   1.00 47.98 ? 4   GLU A CD  1 
ATOM   40  O OE1 . GLU A 1 6  ? -1.646  17.099  7.951   1.00 49.48 ? 4   GLU A OE1 1 
ATOM   41  O OE2 . GLU A 1 6  ? -1.791  15.106  8.923   1.00 52.55 ? 4   GLU A OE2 1 
ATOM   42  N N   . LEU A 1 7  ? 1.589   15.044  4.024   1.00 39.31 ? 5   LEU A N   1 
ATOM   43  C CA  . LEU A 1 7  ? 1.345   13.949  3.024   1.00 38.50 ? 5   LEU A CA  1 
ATOM   44  C C   . LEU A 1 7  ? 2.570   13.111  2.656   1.00 38.40 ? 5   LEU A C   1 
ATOM   45  O O   . LEU A 1 7  ? 2.477   11.918  2.467   1.00 35.36 ? 5   LEU A O   1 
ATOM   46  C CB  . LEU A 1 7  ? 0.718   14.467  1.713   1.00 39.33 ? 5   LEU A CB  1 
ATOM   47  C CG  . LEU A 1 7  ? -0.749  14.789  1.560   1.00 38.00 ? 5   LEU A CG  1 
ATOM   48  C CD1 . LEU A 1 7  ? -0.953  15.409  0.224   1.00 38.69 ? 5   LEU A CD1 1 
ATOM   49  C CD2 . LEU A 1 7  ? -1.587  13.503  1.674   1.00 39.31 ? 5   LEU A CD2 1 
ATOM   50  N N   . ARG A 1 8  ? 3.714   13.747  2.460   1.00 36.26 ? 6   ARG A N   1 
ATOM   51  C CA  . ARG A 1 8  ? 4.967   13.055  2.245   1.00 37.62 ? 6   ARG A CA  1 
ATOM   52  C C   . ARG A 1 8  ? 5.332   12.165  3.398   1.00 37.06 ? 6   ARG A C   1 
ATOM   53  O O   . ARG A 1 8  ? 5.673   10.998  3.151   1.00 36.51 ? 6   ARG A O   1 
ATOM   54  C CB  . ARG A 1 8  ? 6.136   14.045  2.077   1.00 38.99 ? 6   ARG A CB  1 
ATOM   55  C CG  . ARG A 1 8  ? 6.327   14.500  0.703   1.00 43.29 ? 6   ARG A CG  1 
ATOM   56  C CD  . ARG A 1 8  ? 7.720   15.109  0.556   1.00 51.75 ? 6   ARG A CD  1 
ATOM   57  N NE  . ARG A 1 8  ? 7.614   16.291  -0.302  1.00 55.53 ? 6   ARG A NE  1 
ATOM   58  C CZ  . ARG A 1 8  ? 7.686   17.550  0.141   1.00 62.07 ? 6   ARG A CZ  1 
ATOM   59  N NH1 . ARG A 1 8  ? 7.883   17.810  1.444   1.00 62.47 ? 6   ARG A NH1 1 
ATOM   60  N NH2 . ARG A 1 8  ? 7.567   18.565  -0.725  1.00 62.79 ? 6   ARG A NH2 1 
ATOM   61  N N   . ARG A 1 9  ? 5.264   12.671  4.639   1.00 36.90 ? 7   ARG A N   1 
ATOM   62  C CA  . ARG A 1 9  ? 5.678   11.887  5.809   1.00 37.24 ? 7   ARG A CA  1 
ATOM   63  C C   . ARG A 1 9  ? 4.773   10.626  5.916   1.00 35.22 ? 7   ARG A C   1 
ATOM   64  O O   . ARG A 1 9  ? 5.287   9.562   6.171   1.00 35.63 ? 7   ARG A O   1 
ATOM   65  C CB  . ARG A 1 9  ? 5.572   12.626  7.139   1.00 39.00 ? 7   ARG A CB  1 
ATOM   66  C CG  . ARG A 1 9  ? 6.575   13.783  7.232   1.00 45.97 ? 7   ARG A CG  1 
ATOM   67  C CD  . ARG A 1 9  ? 7.180   13.975  8.624   1.00 55.17 ? 7   ARG A CD  1 
ATOM   68  N NE  . ARG A 1 9  ? 7.996   15.191  8.585   1.00 62.22 ? 7   ARG A NE  1 
ATOM   69  C CZ  . ARG A 1 9  ? 7.668   16.338  9.180   1.00 65.99 ? 7   ARG A CZ  1 
ATOM   70  N NH1 . ARG A 1 9  ? 6.546   16.429  9.906   1.00 68.14 ? 7   ARG A NH1 1 
ATOM   71  N NH2 . ARG A 1 9  ? 8.475   17.394  9.063   1.00 67.31 ? 7   ARG A NH2 1 
ATOM   72  N N   . GLU A 1 10 ? 3.466   10.811  5.786   1.00 33.13 ? 8   GLU A N   1 
ATOM   73  C CA  . GLU A 1 10 ? 2.474   9.690   5.981   1.00 32.83 ? 8   GLU A CA  1 
ATOM   74  C C   . GLU A 1 10 ? 2.568   8.658   4.863   1.00 32.04 ? 8   GLU A C   1 
ATOM   75  O O   . GLU A 1 10 ? 2.328   7.437   5.073   1.00 34.02 ? 8   GLU A O   1 
ATOM   76  C CB  . GLU A 1 10 ? 1.042   10.236  6.027   1.00 33.09 ? 8   GLU A CB  1 
ATOM   77  C CG  . GLU A 1 10 ? 0.587   10.898  7.330   1.00 37.99 ? 8   GLU A CG  1 
ATOM   78  C CD  . GLU A 1 10 ? 0.524   9.904   8.494   1.00 46.15 ? 8   GLU A CD  1 
ATOM   79  O OE1 . GLU A 1 10 ? -0.357  8.967   8.505   1.00 46.29 ? 8   GLU A OE1 1 
ATOM   80  O OE2 . GLU A 1 10 ? 1.386   10.056  9.384   1.00 47.18 ? 8   GLU A OE2 1 
ATOM   81  N N   . THR A 1 11 ? 2.747   9.149   3.635   1.00 31.67 ? 9   THR A N   1 
ATOM   82  C CA  . THR A 1 11 ? 2.878   8.249   2.465   1.00 31.30 ? 9   THR A CA  1 
ATOM   83  C C   . THR A 1 11 ? 4.107   7.378   2.581   1.00 31.43 ? 9   THR A C   1 
ATOM   84  O O   . THR A 1 11 ? 4.058   6.108   2.433   1.00 31.98 ? 9   THR A O   1 
ATOM   85  C CB  . THR A 1 11 ? 2.854   9.035   1.086   1.00 29.92 ? 9   THR A CB  1 
ATOM   86  O OG1 . THR A 1 11 ? 1.653   9.809   1.036   1.00 28.12 ? 9   THR A OG1 1 
ATOM   87  C CG2 . THR A 1 11 ? 2.910   8.010   -0.092  1.00 31.31 ? 9   THR A CG2 1 
ATOM   88  N N   . LEU A 1 12 ? 5.248   8.022   2.837   1.00 31.73 ? 10  LEU A N   1 
ATOM   89  C CA  . LEU A 1 12 ? 6.490   7.251   3.046   1.00 32.18 ? 10  LEU A CA  1 
ATOM   90  C C   . LEU A 1 12 ? 6.406   6.236   4.190   1.00 31.06 ? 10  LEU A C   1 
ATOM   91  O O   . LEU A 1 12 ? 6.969   5.139   4.071   1.00 32.14 ? 10  LEU A O   1 
ATOM   92  C CB  . LEU A 1 12 ? 7.640   8.219   3.363   1.00 32.74 ? 10  LEU A CB  1 
ATOM   93  C CG  . LEU A 1 12 ? 8.261   8.799   2.122   1.00 36.05 ? 10  LEU A CG  1 
ATOM   94  C CD1 . LEU A 1 12 ? 9.124   10.120  2.538   1.00 37.67 ? 10  LEU A CD1 1 
ATOM   95  C CD2 . LEU A 1 12 ? 9.136   7.793   1.452   1.00 38.39 ? 10  LEU A CD2 1 
ATOM   96  N N   . LYS A 1 13 ? 5.723   6.601   5.273   1.00 28.56 ? 11  LYS A N   1 
ATOM   97  C CA  . LYS A 1 13 ? 5.712   5.860   6.513   1.00 28.88 ? 11  LYS A CA  1 
ATOM   98  C C   . LYS A 1 13 ? 4.937   4.558   6.158   1.00 27.82 ? 11  LYS A C   1 
ATOM   99  O O   . LYS A 1 13 ? 5.411   3.449   6.370   1.00 30.92 ? 11  LYS A O   1 
ATOM   100 C CB  . LYS A 1 13 ? 4.857   6.606   7.520   1.00 29.36 ? 11  LYS A CB  1 
ATOM   101 C CG  . LYS A 1 13 ? 4.627   5.887   8.863   1.00 27.00 ? 11  LYS A CG  1 
ATOM   102 C CD  . LYS A 1 13 ? 3.448   6.406   9.645   1.00 31.02 ? 11  LYS A CD  1 
ATOM   103 C CE  . LYS A 1 13 ? 3.723   7.817   10.173  1.00 34.22 ? 11  LYS A CE  1 
ATOM   104 N NZ  . LYS A 1 13 ? 2.605   8.468   11.004  1.00 32.86 ? 11  LYS A NZ  1 
ATOM   105 N N   . TRP A 1 14 ? 3.817   4.760   5.519   1.00 27.35 ? 12  TRP A N   1 
ATOM   106 C CA  . TRP A 1 14 ? 2.881   3.617   5.259   1.00 27.06 ? 12  TRP A CA  1 
ATOM   107 C C   . TRP A 1 14 ? 3.369   2.770   4.104   1.00 28.60 ? 12  TRP A C   1 
ATOM   108 O O   . TRP A 1 14 ? 3.045   1.514   3.961   1.00 27.91 ? 12  TRP A O   1 
ATOM   109 C CB  . TRP A 1 14 ? 1.548   4.246   5.031   1.00 26.87 ? 12  TRP A CB  1 
ATOM   110 C CG  . TRP A 1 14 ? 0.890   4.610   6.314   1.00 30.05 ? 12  TRP A CG  1 
ATOM   111 C CD1 . TRP A 1 14 ? 0.492   5.848   6.719   1.00 28.55 ? 12  TRP A CD1 1 
ATOM   112 C CD2 . TRP A 1 14 ? 0.528   3.712   7.362   1.00 30.65 ? 12  TRP A CD2 1 
ATOM   113 N NE1 . TRP A 1 14 ? -0.069  5.794   7.965   1.00 31.26 ? 12  TRP A NE1 1 
ATOM   114 C CE2 . TRP A 1 14 ? -0.091  4.467   8.363   1.00 32.95 ? 12  TRP A CE2 1 
ATOM   115 C CE3 . TRP A 1 14 ? 0.667   2.301   7.540   1.00 32.43 ? 12  TRP A CE3 1 
ATOM   116 C CZ2 . TRP A 1 14 ? -0.537  3.896   9.554   1.00 31.54 ? 12  TRP A CZ2 1 
ATOM   117 C CZ3 . TRP A 1 14 ? 0.216   1.735   8.715   1.00 27.91 ? 12  TRP A CZ3 1 
ATOM   118 C CH2 . TRP A 1 14 ? -0.390  2.509   9.705   1.00 33.21 ? 12  TRP A CH2 1 
ATOM   119 N N   . LEU A 1 15 ? 4.092   3.401   3.210   1.00 28.94 ? 13  LEU A N   1 
ATOM   120 C CA  . LEU A 1 15 ? 4.711   2.727   2.116   1.00 31.44 ? 13  LEU A CA  1 
ATOM   121 C C   . LEU A 1 15 ? 5.898   1.902   2.564   1.00 32.33 ? 13  LEU A C   1 
ATOM   122 O O   . LEU A 1 15 ? 6.019   0.761   2.178   1.00 33.19 ? 13  LEU A O   1 
ATOM   123 C CB  . LEU A 1 15 ? 5.074   3.686   0.995   1.00 31.33 ? 13  LEU A CB  1 
ATOM   124 C CG  . LEU A 1 15 ? 5.539   3.279   -0.365  1.00 33.03 ? 13  LEU A CG  1 
ATOM   125 C CD1 . LEU A 1 15 ? 4.559   2.427   -1.154  1.00 23.85 ? 13  LEU A CD1 1 
ATOM   126 C CD2 . LEU A 1 15 ? 5.722   4.593   -1.131  1.00 31.25 ? 13  LEU A CD2 1 
ATOM   127 N N   . GLU A 1 16 ? 6.775   2.439   3.407   1.00 32.88 ? 14  GLU A N   1 
ATOM   128 C CA  . GLU A 1 16 ? 7.856   1.610   3.915   1.00 34.08 ? 14  GLU A CA  1 
ATOM   129 C C   . GLU A 1 16 ? 7.300   0.418   4.763   1.00 32.98 ? 14  GLU A C   1 
ATOM   130 O O   . GLU A 1 16 ? 7.850   -0.661  4.712   1.00 33.30 ? 14  GLU A O   1 
ATOM   131 C CB  . GLU A 1 16 ? 8.793   2.425   4.732   1.00 35.45 ? 14  GLU A CB  1 
ATOM   132 C CG  . GLU A 1 16 ? 9.389   3.557   3.927   1.00 41.26 ? 14  GLU A CG  1 
ATOM   133 C CD  . GLU A 1 16 ? 10.177  4.553   4.830   1.00 48.21 ? 14  GLU A CD  1 
ATOM   134 O OE1 . GLU A 1 16 ? 10.078  4.501   6.097   1.00 48.27 ? 14  GLU A OE1 1 
ATOM   135 O OE2 . GLU A 1 16 ? 10.894  5.389   4.232   1.00 53.77 ? 14  GLU A OE2 1 
ATOM   136 N N   . ARG A 1 17 ? 6.200   0.612   5.464   1.00 31.68 ? 15  ARG A N   1 
ATOM   137 C CA  . ARG A 1 17 ? 5.629   -0.438  6.304   1.00 32.14 ? 15  ARG A CA  1 
ATOM   138 C C   . ARG A 1 17 ? 5.082   -1.534  5.374   1.00 32.53 ? 15  ARG A C   1 
ATOM   139 O O   . ARG A 1 17 ? 5.343   -2.714  5.625   1.00 33.72 ? 15  ARG A O   1 
ATOM   140 C CB  . ARG A 1 17 ? 4.539   0.119   7.241   1.00 30.77 ? 15  ARG A CB  1 
ATOM   141 C CG  . ARG A 1 17 ? 5.127   0.906   8.484   1.00 28.46 ? 15  ARG A CG  1 
ATOM   142 C CD  . ARG A 1 17 ? 4.048   1.680   9.146   1.00 25.48 ? 15  ARG A CD  1 
ATOM   143 N NE  . ARG A 1 17 ? 4.582   2.459   10.281  1.00 29.97 ? 15  ARG A NE  1 
ATOM   144 C CZ  . ARG A 1 17 ? 3.797   3.190   11.075  1.00 30.55 ? 15  ARG A CZ  1 
ATOM   145 N NH1 . ARG A 1 17 ? 2.486   3.252   10.855  1.00 32.44 ? 15  ARG A NH1 1 
ATOM   146 N NH2 . ARG A 1 17 ? 4.328   3.884   12.063  1.00 30.61 ? 15  ARG A NH2 1 
ATOM   147 N N   . ILE A 1 18 ? 4.373   -1.162  4.302   1.00 32.08 ? 16  ILE A N   1 
ATOM   148 C CA  . ILE A 1 18 ? 3.663   -2.198  3.487   1.00 33.32 ? 16  ILE A CA  1 
ATOM   149 C C   . ILE A 1 18 ? 4.632   -3.006  2.609   1.00 34.26 ? 16  ILE A C   1 
ATOM   150 O O   . ILE A 1 18 ? 4.436   -4.216  2.322   1.00 34.58 ? 16  ILE A O   1 
ATOM   151 C CB  . ILE A 1 18 ? 2.500   -1.554  2.687   1.00 34.11 ? 16  ILE A CB  1 
ATOM   152 C CG1 . ILE A 1 18 ? 1.489   -2.632  2.306   1.00 30.41 ? 16  ILE A CG1 1 
ATOM   153 C CG2 . ILE A 1 18 ? 2.977   -0.693  1.453   1.00 32.37 ? 16  ILE A CG2 1 
ATOM   154 C CD1 . ILE A 1 18 ? 0.182   -2.055  1.637   1.00 33.18 ? 16  ILE A CD1 1 
ATOM   155 N N   . GLU A 1 19 ? 5.705   -2.345  2.182   1.00 34.85 ? 17  GLU A N   1 
ATOM   156 C CA  . GLU A 1 19 ? 6.778   -2.998  1.392   1.00 36.73 ? 17  GLU A CA  1 
ATOM   157 C C   . GLU A 1 19 ? 7.365   -4.147  2.205   1.00 36.50 ? 17  GLU A C   1 
ATOM   158 O O   . GLU A 1 19 ? 7.706   -5.188  1.667   1.00 37.06 ? 17  GLU A O   1 
ATOM   159 C CB  . GLU A 1 19 ? 7.836   -1.937  0.947   1.00 36.12 ? 17  GLU A CB  1 
ATOM   160 C CG  . GLU A 1 19 ? 7.334   -1.153  -0.244  1.00 35.86 ? 17  GLU A CG  1 
ATOM   161 C CD  . GLU A 1 19 ? 8.226   0.062   -0.629  1.00 40.26 ? 17  GLU A CD  1 
ATOM   162 O OE1 . GLU A 1 19 ? 9.050   0.471   0.210   1.00 44.17 ? 17  GLU A OE1 1 
ATOM   163 O OE2 . GLU A 1 19 ? 8.108   0.543   -1.777  1.00 43.98 ? 17  GLU A OE2 1 
ATOM   164 N N   . GLU A 1 20 ? 7.431   -3.988  3.510   1.00 36.75 ? 18  GLU A N   1 
ATOM   165 C CA  . GLU A 1 20 ? 7.785   -5.122  4.404   1.00 37.38 ? 18  GLU A CA  1 
ATOM   166 C C   . GLU A 1 20 ? 6.600   -6.060  4.634   1.00 37.06 ? 18  GLU A C   1 
ATOM   167 O O   . GLU A 1 20 ? 6.767   -7.267  4.638   1.00 38.99 ? 18  GLU A O   1 
ATOM   168 C CB  . GLU A 1 20 ? 8.308   -4.647  5.750   1.00 37.84 ? 18  GLU A CB  1 
ATOM   169 C CG  . GLU A 1 20 ? 9.628   -3.963  5.647   1.00 44.13 ? 18  GLU A CG  1 
ATOM   170 C CD  . GLU A 1 20 ? 10.688  -4.824  4.946   1.00 53.52 ? 18  GLU A CD  1 
ATOM   171 O OE1 . GLU A 1 20 ? 10.790  -6.073  5.211   1.00 55.84 ? 18  GLU A OE1 1 
ATOM   172 O OE2 . GLU A 1 20 ? 11.417  -4.236  4.118   1.00 54.31 ? 18  GLU A OE2 1 
ATOM   173 N N   . ARG A 1 21 ? 5.422   -5.498  4.844   1.00 36.43 ? 19  ARG A N   1 
ATOM   174 C CA  . ARG A 1 21 ? 4.274   -6.259  5.289   1.00 36.36 ? 19  ARG A CA  1 
ATOM   175 C C   . ARG A 1 21 ? 3.860   -7.273  4.223   1.00 38.11 ? 19  ARG A C   1 
ATOM   176 O O   . ARG A 1 21 ? 3.451   -8.415  4.559   1.00 37.56 ? 19  ARG A O   1 
ATOM   177 C CB  . ARG A 1 21 ? 3.110   -5.313  5.584   1.00 35.47 ? 19  ARG A CB  1 
ATOM   178 C CG  . ARG A 1 21 ? 1.927   -5.923  6.335   1.00 32.69 ? 19  ARG A CG  1 
ATOM   179 C CD  . ARG A 1 21 ? 2.303   -6.260  7.779   1.00 35.99 ? 19  ARG A CD  1 
ATOM   180 N NE  . ARG A 1 21 ? 1.122   -6.566  8.530   1.00 38.83 ? 19  ARG A NE  1 
ATOM   181 C CZ  . ARG A 1 21 ? 0.787   -7.820  8.853   1.00 40.84 ? 19  ARG A CZ  1 
ATOM   182 N NH1 . ARG A 1 21 ? -0.324  -8.035  9.548   1.00 38.58 ? 19  ARG A NH1 1 
ATOM   183 N NH2 . ARG A 1 21 ? 1.595   -8.825  8.550   1.00 39.69 ? 19  ARG A NH2 1 
ATOM   184 N N   . VAL A 1 22 ? 3.943   -6.848  2.956   1.00 38.23 ? 20  VAL A N   1 
ATOM   185 C CA  . VAL A 1 22 ? 3.451   -7.683  1.818   1.00 41.34 ? 20  VAL A CA  1 
ATOM   186 C C   . VAL A 1 22 ? 4.219   -9.009  1.773   1.00 41.05 ? 20  VAL A C   1 
ATOM   187 O O   . VAL A 1 22 ? 3.699   -10.080 1.372   1.00 40.81 ? 20  VAL A O   1 
ATOM   188 C CB  . VAL A 1 22 ? 3.504   -6.839  0.505   1.00 40.06 ? 20  VAL A CB  1 
ATOM   189 C CG1 . VAL A 1 22 ? 4.905   -6.743  -0.058  1.00 40.34 ? 20  VAL A CG1 1 
ATOM   190 C CG2 . VAL A 1 22 ? 2.490   -7.364  -0.532  1.00 42.48 ? 20  VAL A CG2 1 
ATOM   191 N N   . LYS A 1 23 ? 5.453   -8.936  2.272   1.00 42.11 ? 21  LYS A N   1 
ATOM   192 C CA  . LYS A 1 23 ? 6.371   -10.064 2.314   1.00 45.25 ? 21  LYS A CA  1 
ATOM   193 C C   . LYS A 1 23 ? 6.018   -11.100 3.378   1.00 45.57 ? 21  LYS A C   1 
ATOM   194 O O   . LYS A 1 23 ? 6.485   -12.227 3.327   1.00 46.08 ? 21  LYS A O   1 
ATOM   195 C CB  . LYS A 1 23 ? 7.832   -9.585  2.446   1.00 45.86 ? 21  LYS A CB  1 
ATOM   196 C CG  . LYS A 1 23 ? 8.412   -9.121  1.090   1.00 48.30 ? 21  LYS A CG  1 
ATOM   197 C CD  . LYS A 1 23 ? 9.901   -9.491  0.971   1.00 53.03 ? 21  LYS A CD  1 
ATOM   198 C CE  . LYS A 1 23 ? 10.585  -8.991  -0.333  1.00 52.97 ? 21  LYS A CE  1 
ATOM   199 N NZ  . LYS A 1 23 ? 12.037  -9.559  -0.471  1.00 51.94 ? 21  LYS A NZ  1 
ATOM   200 N N   . GLU A 1 24 ? 5.180   -10.710 4.325   1.00 45.44 ? 22  GLU A N   1 
ATOM   201 C CA  . GLU A 1 24 ? 4.803   -11.552 5.458   1.00 46.23 ? 22  GLU A CA  1 
ATOM   202 C C   . GLU A 1 24 ? 3.488   -12.287 5.271   1.00 46.29 ? 22  GLU A C   1 
ATOM   203 O O   . GLU A 1 24 ? 3.103   -13.077 6.119   1.00 47.60 ? 22  GLU A O   1 
ATOM   204 C CB  . GLU A 1 24 ? 4.723   -10.706 6.749   1.00 46.26 ? 22  GLU A CB  1 
ATOM   205 C CG  . GLU A 1 24 ? 6.043   -10.037 7.102   1.00 47.12 ? 22  GLU A CG  1 
ATOM   206 C CD  . GLU A 1 24 ? 5.880   -8.929  8.093   1.00 49.44 ? 22  GLU A CD  1 
ATOM   207 O OE1 . GLU A 1 24 ? 4.774   -8.785  8.665   1.00 47.18 ? 22  GLU A OE1 1 
ATOM   208 O OE2 . GLU A 1 24 ? 6.877   -8.196  8.300   1.00 53.62 ? 22  GLU A OE2 1 
ATOM   209 N N   . ILE A 1 25 ? 2.786   -12.017 4.176   1.00 46.27 ? 23  ILE A N   1 
ATOM   210 C CA  . ILE A 1 25 ? 1.437   -12.546 4.017   1.00 46.88 ? 23  ILE A CA  1 
ATOM   211 C C   . ILE A 1 25 ? 1.310   -13.346 2.705   1.00 47.63 ? 23  ILE A C   1 
ATOM   212 O O   . ILE A 1 25 ? 2.065   -13.145 1.751   1.00 48.28 ? 23  ILE A O   1 
ATOM   213 C CB  . ILE A 1 25 ? 0.409   -11.410 4.051   1.00 46.66 ? 23  ILE A CB  1 
ATOM   214 C CG1 . ILE A 1 25 ? 0.622   -10.480 2.874   1.00 48.21 ? 23  ILE A CG1 1 
ATOM   215 C CG2 . ILE A 1 25 ? 0.521   -10.602 5.364   1.00 44.07 ? 23  ILE A CG2 1 
ATOM   216 C CD1 . ILE A 1 25 ? -0.638  -9.884  2.411   1.00 49.60 ? 23  ILE A CD1 1 
ATOM   217 N N   . GLU A 1 26 ? 0.375   -14.273 2.659   1.00 47.84 ? 24  GLU A N   1 
ATOM   218 C CA  . GLU A 1 26 ? 0.168   -14.993 1.415   1.00 48.79 ? 24  GLU A CA  1 
ATOM   219 C C   . GLU A 1 26 ? -1.320  -15.237 1.161   1.00 47.71 ? 24  GLU A C   1 
ATOM   220 O O   . GLU A 1 26 ? -2.135  -15.093 2.072   1.00 47.73 ? 24  GLU A O   1 
ATOM   221 C CB  . GLU A 1 26 ? 0.955   -16.297 1.455   1.00 48.73 ? 24  GLU A CB  1 
ATOM   222 C CG  . GLU A 1 26 ? 0.700   -17.073 2.721   1.00 53.57 ? 24  GLU A CG  1 
ATOM   223 C CD  . GLU A 1 26 ? 1.337   -18.465 2.722   1.00 57.43 ? 24  GLU A CD  1 
ATOM   224 O OE1 . GLU A 1 26 ? 2.355   -18.669 2.027   1.00 58.03 ? 24  GLU A OE1 1 
ATOM   225 O OE2 . GLU A 1 26 ? 0.804   -19.351 3.438   1.00 60.87 ? 24  GLU A OE2 1 
ATOM   226 N N   . GLY A 1 27 ? -1.681  -15.563 -0.074  1.00 47.55 ? 25  GLY A N   1 
ATOM   227 C CA  . GLY A 1 27 ? -3.052  -15.978 -0.348  1.00 47.75 ? 25  GLY A CA  1 
ATOM   228 C C   . GLY A 1 27 ? -3.546  -15.767 -1.764  1.00 47.41 ? 25  GLY A C   1 
ATOM   229 O O   . GLY A 1 27 ? -2.812  -16.008 -2.741  1.00 47.50 ? 25  GLY A O   1 
ATOM   230 N N   . ASP A 1 28 ? -4.804  -15.327 -1.858  1.00 47.46 ? 26  ASP A N   1 
ATOM   231 C CA  . ASP A 1 28 ? -5.483  -15.071 -3.129  1.00 48.23 ? 26  ASP A CA  1 
ATOM   232 C C   . ASP A 1 28 ? -4.676  -14.153 -4.044  1.00 48.58 ? 26  ASP A C   1 
ATOM   233 O O   . ASP A 1 28 ? -4.343  -13.005 -3.668  1.00 47.03 ? 26  ASP A O   1 
ATOM   234 C CB  . ASP A 1 28 ? -6.856  -14.457 -2.874  1.00 48.46 ? 26  ASP A CB  1 
ATOM   235 C CG  . ASP A 1 28 ? -7.655  -14.265 -4.152  1.00 51.91 ? 26  ASP A CG  1 
ATOM   236 O OD1 . ASP A 1 28 ? -8.376  -15.211 -4.546  1.00 56.10 ? 26  ASP A OD1 1 
ATOM   237 O OD2 . ASP A 1 28 ? -7.547  -13.188 -4.784  1.00 53.44 ? 26  ASP A OD2 1 
ATOM   238 N N   . GLU A 1 29 ? -4.394  -14.657 -5.245  1.00 48.45 ? 27  GLU A N   1 
ATOM   239 C CA  . GLU A 1 29 ? -3.494  -13.984 -6.189  1.00 49.25 ? 27  GLU A CA  1 
ATOM   240 C C   . GLU A 1 29 ? -4.002  -12.646 -6.743  1.00 47.87 ? 27  GLU A C   1 
ATOM   241 O O   . GLU A 1 29 ? -3.198  -11.752 -7.015  1.00 47.37 ? 27  GLU A O   1 
ATOM   242 C CB  . GLU A 1 29 ? -3.048  -14.935 -7.305  1.00 50.20 ? 27  GLU A CB  1 
ATOM   243 C CG  . GLU A 1 29 ? -2.223  -16.152 -6.761  1.00 55.81 ? 27  GLU A CG  1 
ATOM   244 C CD  . GLU A 1 29 ? -0.798  -15.776 -6.219  1.00 62.25 ? 27  GLU A CD  1 
ATOM   245 O OE1 . GLU A 1 29 ? -0.676  -14.849 -5.373  1.00 63.77 ? 27  GLU A OE1 1 
ATOM   246 O OE2 . GLU A 1 29 ? 0.206   -16.420 -6.635  1.00 64.30 ? 27  GLU A OE2 1 
ATOM   247 N N   . GLY A 1 30 ? -5.318  -12.497 -6.860  1.00 46.44 ? 28  GLY A N   1 
ATOM   248 C CA  . GLY A 1 30 ? -5.929  -11.229 -7.258  1.00 45.63 ? 28  GLY A CA  1 
ATOM   249 C C   . GLY A 1 30 ? -5.740  -10.136 -6.204  1.00 44.25 ? 28  GLY A C   1 
ATOM   250 O O   . GLY A 1 30 ? -5.353  -8.989  -6.545  1.00 45.91 ? 28  GLY A O   1 
ATOM   251 N N   . PHE A 1 31 ? -6.044  -10.479 -4.945  1.00 43.17 ? 29  PHE A N   1 
ATOM   252 C CA  . PHE A 1 31 ? -5.755  -9.635  -3.773  1.00 41.52 ? 29  PHE A CA  1 
ATOM   253 C C   . PHE A 1 31 ? -4.303  -9.251  -3.756  1.00 40.47 ? 29  PHE A C   1 
ATOM   254 O O   . PHE A 1 31 ? -3.976  -8.060  -3.693  1.00 40.37 ? 29  PHE A O   1 
ATOM   255 C CB  . PHE A 1 31 ? -6.117  -10.332 -2.475  1.00 41.47 ? 29  PHE A CB  1 
ATOM   256 C CG  . PHE A 1 31 ? -7.537  -10.120 -2.064  1.00 42.17 ? 29  PHE A CG  1 
ATOM   257 C CD1 . PHE A 1 31 ? -7.848  -9.209  -1.065  1.00 41.34 ? 29  PHE A CD1 1 
ATOM   258 C CD2 . PHE A 1 31 ? -8.572  -10.855 -2.671  1.00 44.69 ? 29  PHE A CD2 1 
ATOM   259 C CE1 . PHE A 1 31 ? -9.138  -8.988  -0.671  1.00 43.16 ? 29  PHE A CE1 1 
ATOM   260 C CE2 . PHE A 1 31 ? -9.906  -10.646 -2.285  1.00 45.40 ? 29  PHE A CE2 1 
ATOM   261 C CZ  . PHE A 1 31 ? -10.182 -9.696  -1.261  1.00 44.72 ? 29  PHE A CZ  1 
ATOM   262 N N   . MET A 1 32 ? -3.432  -10.254 -3.882  1.00 39.57 ? 30  MET A N   1 
ATOM   263 C CA  . MET A 1 32 ? -1.980  -9.994  -3.901  1.00 38.79 ? 30  MET A CA  1 
ATOM   264 C C   . MET A 1 32 ? -1.567  -9.136  -5.096  1.00 38.30 ? 30  MET A C   1 
ATOM   265 O O   . MET A 1 32 ? -0.700  -8.254  -4.937  1.00 35.58 ? 30  MET A O   1 
ATOM   266 C CB  . MET A 1 32 ? -1.132  -11.262 -3.845  1.00 39.27 ? 30  MET A CB  1 
ATOM   267 C CG  . MET A 1 32 ? -1.212  -12.025 -2.506  1.00 41.58 ? 30  MET A CG  1 
ATOM   268 S SD  . MET A 1 32 ? -0.561  -11.174 -1.039  1.00 39.32 ? 30  MET A SD  1 
ATOM   269 C CE  . MET A 1 32 ? 1.165   -11.421 -1.216  1.00 43.81 ? 30  MET A CE  1 
ATOM   270 N N   . ARG A 1 33 ? -2.192  -9.339  -6.257  1.00 37.71 ? 31  ARG A N   1 
ATOM   271 C CA  . ARG A 1 33 ? -1.816  -8.526  -7.428  1.00 38.60 ? 31  ARG A CA  1 
ATOM   272 C C   . ARG A 1 33 ? -2.260  -7.061  -7.262  1.00 36.79 ? 31  ARG A C   1 
ATOM   273 O O   . ARG A 1 33 ? -1.470  -6.137  -7.602  1.00 37.01 ? 31  ARG A O   1 
ATOM   274 C CB  . ARG A 1 33 ? -2.330  -9.102  -8.770  1.00 41.30 ? 31  ARG A CB  1 
ATOM   275 C CG  . ARG A 1 33 ? -1.846  -10.583 -9.113  1.00 45.39 ? 31  ARG A CG  1 
ATOM   276 C CD  . ARG A 1 33 ? -0.354  -10.772 -9.469  1.00 52.87 ? 31  ARG A CD  1 
ATOM   277 N NE  . ARG A 1 33 ? 0.043   -12.204 -9.422  1.00 54.76 ? 31  ARG A NE  1 
ATOM   278 C CZ  . ARG A 1 33 ? 0.735   -12.792 -8.436  1.00 59.15 ? 31  ARG A CZ  1 
ATOM   279 N NH1 . ARG A 1 33 ? 1.145   -12.106 -7.363  1.00 59.95 ? 31  ARG A NH1 1 
ATOM   280 N NH2 . ARG A 1 33 ? 1.021   -14.086 -8.521  1.00 61.14 ? 31  ARG A NH2 1 
ATOM   281 N N   . ASN A 1 34 ? -3.477  -6.854  -6.720  1.00 33.19 ? 32  ASN A N   1 
ATOM   282 C CA  . ASN A 1 34 ? -3.978  -5.509  -6.374  1.00 35.08 ? 32  ASN A CA  1 
ATOM   283 C C   . ASN A 1 34 ? -3.055  -4.755  -5.435  1.00 33.10 ? 32  ASN A C   1 
ATOM   284 O O   . ASN A 1 34 ? -2.688  -3.503  -5.672  1.00 32.28 ? 32  ASN A O   1 
ATOM   285 C CB  . ASN A 1 34 ? -5.408  -5.610  -5.809  1.00 34.53 ? 32  ASN A CB  1 
ATOM   286 C CG  . ASN A 1 34 ? -6.436  -6.002  -6.884  1.00 38.03 ? 32  ASN A CG  1 
ATOM   287 O OD1 . ASN A 1 34 ? -6.102  -6.102  -8.051  1.00 38.82 ? 32  ASN A OD1 1 
ATOM   288 N ND2 . ASN A 1 34 ? -7.658  -6.256  -6.482  1.00 40.08 ? 32  ASN A ND2 1 
ATOM   289 N N   . ILE A 1 35 ? -2.662  -5.445  -4.378  1.00 32.13 ? 33  ILE A N   1 
ATOM   290 C CA  . ILE A 1 35 ? -1.673  -4.922  -3.403  1.00 33.88 ? 33  ILE A CA  1 
ATOM   291 C C   . ILE A 1 35 ? -0.366  -4.345  -4.067  1.00 32.47 ? 33  ILE A C   1 
ATOM   292 O O   . ILE A 1 35 ? -0.018  -3.120  -3.898  1.00 30.55 ? 33  ILE A O   1 
ATOM   293 C CB  . ILE A 1 35 ? -1.393  -5.868  -2.167  1.00 32.54 ? 33  ILE A CB  1 
ATOM   294 C CG1 . ILE A 1 35 ? -2.710  -6.171  -1.419  1.00 33.63 ? 33  ILE A CG1 1 
ATOM   295 C CG2 . ILE A 1 35 ? -0.399  -5.174  -1.178  1.00 33.26 ? 33  ILE A CG2 1 
ATOM   296 C CD1 . ILE A 1 35 ? -2.622  -7.376  -0.413  1.00 34.57 ? 33  ILE A CD1 1 
ATOM   297 N N   . GLU A 1 36 ? 0.323   -5.211  -4.812  1.00 35.10 ? 34  GLU A N   1 
ATOM   298 C CA  . GLU A 1 36 ? 1.542   -4.826  -5.542  1.00 33.98 ? 34  GLU A CA  1 
ATOM   299 C C   . GLU A 1 36 ? 1.269   -3.771  -6.560  1.00 32.62 ? 34  GLU A C   1 
ATOM   300 O O   . GLU A 1 36 ? 2.129   -2.830  -6.679  1.00 30.83 ? 34  GLU A O   1 
ATOM   301 C CB  . GLU A 1 36 ? 2.298   -6.009  -6.181  1.00 36.49 ? 34  GLU A CB  1 
ATOM   302 C CG  . GLU A 1 36 ? 3.723   -5.623  -6.860  1.00 41.25 ? 34  GLU A CG  1 
ATOM   303 C CD  . GLU A 1 36 ? 4.695   -4.618  -6.038  1.00 50.37 ? 34  GLU A CD  1 
ATOM   304 O OE1 . GLU A 1 36 ? 5.233   -5.028  -4.945  1.00 55.91 ? 34  GLU A OE1 1 
ATOM   305 O OE2 . GLU A 1 36 ? 4.962   -3.454  -6.529  1.00 45.88 ? 34  GLU A OE2 1 
ATOM   306 N N   . ALA A 1 37 ? 0.074   -3.818  -7.170  1.00 30.72 ? 35  ALA A N   1 
ATOM   307 C CA  . ALA A 1 37 ? -0.314  -2.876  -8.265  1.00 29.80 ? 35  ALA A CA  1 
ATOM   308 C C   . ALA A 1 37 ? -0.391  -1.493  -7.591  1.00 28.51 ? 35  ALA A C   1 
ATOM   309 O O   . ALA A 1 37 ? 0.305   -0.476  -8.055  1.00 32.26 ? 35  ALA A O   1 
ATOM   310 C CB  . ALA A 1 37 ? -1.631  -3.225  -8.924  1.00 30.04 ? 35  ALA A CB  1 
ATOM   311 N N   . TYR A 1 38 ? -1.103  -1.397  -6.441  1.00 25.88 ? 36  TYR A N   1 
ATOM   312 C CA  . TYR A 1 38 ? -1.150  0.022   -5.788  1.00 26.36 ? 36  TYR A CA  1 
ATOM   313 C C   . TYR A 1 38 ? 0.110   0.362   -5.113  1.00 25.30 ? 36  TYR A C   1 
ATOM   314 O O   . TYR A 1 38 ? 0.552   1.664   -5.120  1.00 24.68 ? 36  TYR A O   1 
ATOM   315 C CB  . TYR A 1 38 ? -2.284  0.059   -4.744  1.00 26.90 ? 36  TYR A CB  1 
ATOM   316 C CG  . TYR A 1 38 ? -3.673  0.113   -5.309  1.00 29.10 ? 36  TYR A CG  1 
ATOM   317 C CD1 . TYR A 1 38 ? -4.175  1.241   -5.856  1.00 26.75 ? 36  TYR A CD1 1 
ATOM   318 C CD2 . TYR A 1 38 ? -4.546  -1.019  -5.253  1.00 27.75 ? 36  TYR A CD2 1 
ATOM   319 C CE1 . TYR A 1 38 ? -5.427  1.366   -6.327  1.00 32.50 ? 36  TYR A CE1 1 
ATOM   320 C CE2 . TYR A 1 38 ? -5.881  -0.914  -5.739  1.00 32.60 ? 36  TYR A CE2 1 
ATOM   321 C CZ  . TYR A 1 38 ? -6.320  0.255   -6.285  1.00 32.94 ? 36  TYR A CZ  1 
ATOM   322 O OH  . TYR A 1 38 ? -7.616  0.466   -6.811  1.00 33.80 ? 36  TYR A OH  1 
ATOM   323 N N   . ILE A 1 39 ? 0.824   -0.570  -4.517  1.00 23.63 ? 37  ILE A N   1 
ATOM   324 C CA  . ILE A 1 39 ? 2.256   -0.271  -4.056  1.00 28.18 ? 37  ILE A CA  1 
ATOM   325 C C   . ILE A 1 39 ? 3.119   0.340   -5.163  1.00 28.83 ? 37  ILE A C   1 
ATOM   326 O O   . ILE A 1 39 ? 3.726   1.466   -4.953  1.00 25.89 ? 37  ILE A O   1 
ATOM   327 C CB  . ILE A 1 39 ? 3.053   -1.433  -3.384  1.00 26.18 ? 37  ILE A CB  1 
ATOM   328 C CG1 . ILE A 1 39 ? 2.518   -1.743  -1.983  1.00 27.82 ? 37  ILE A CG1 1 
ATOM   329 C CG2 . ILE A 1 39 ? 4.620   -1.111  -3.249  1.00 29.03 ? 37  ILE A CG2 1 
ATOM   330 C CD1 . ILE A 1 39 ? 2.706   -3.319  -1.654  1.00 28.93 ? 37  ILE A CD1 1 
ATOM   331 N N   . SER A 1 40 ? 3.171   -0.342  -6.328  1.00 28.06 ? 38  SER A N   1 
ATOM   332 C CA  . SER A 1 40 ? 3.917   0.210   -7.510  1.00 29.73 ? 38  SER A CA  1 
ATOM   333 C C   . SER A 1 40 ? 3.465   1.650   -7.844  1.00 27.39 ? 38  SER A C   1 
ATOM   334 O O   . SER A 1 40 ? 4.319   2.611   -8.004  1.00 28.20 ? 38  SER A O   1 
ATOM   335 C CB  . SER A 1 40 ? 3.750   -0.657  -8.759  1.00 27.60 ? 38  SER A CB  1 
ATOM   336 O OG  . SER A 1 40 ? 4.570   -0.170  -9.823  1.00 34.00 ? 38  SER A OG  1 
ATOM   337 N N   . ASP A 1 41 ? 2.136   1.823   -7.969  1.00 25.77 ? 39  ASP A N   1 
ATOM   338 C CA  . ASP A 1 41 ? 1.529   3.116   -8.290  1.00 27.62 ? 39  ASP A CA  1 
ATOM   339 C C   . ASP A 1 41 ? 1.856   4.135   -7.195  1.00 28.36 ? 39  ASP A C   1 
ATOM   340 O O   . ASP A 1 41 ? 2.340   5.321   -7.525  1.00 26.03 ? 39  ASP A O   1 
ATOM   341 C CB  . ASP A 1 41 ? 0.003   2.931   -8.409  1.00 27.01 ? 39  ASP A CB  1 
ATOM   342 C CG  . ASP A 1 41 ? -0.457  2.561   -9.809  1.00 26.62 ? 39  ASP A CG  1 
ATOM   343 O OD1 . ASP A 1 41 ? 0.326   2.184   -10.708 1.00 30.13 ? 39  ASP A OD1 1 
ATOM   344 O OD2 . ASP A 1 41 ? -1.678  2.749   -9.997  1.00 34.24 ? 39  ASP A OD2 1 
ATOM   345 N N   . SER A 1 42 ? 1.646   3.798   -5.898  1.00 25.12 ? 40  SER A N   1 
ATOM   346 C CA  . SER A 1 42 ? 2.051   4.839   -4.842  1.00 29.62 ? 40  SER A CA  1 
ATOM   347 C C   . SER A 1 42 ? 3.499   5.309   -4.993  1.00 29.50 ? 40  SER A C   1 
ATOM   348 O O   . SER A 1 42 ? 3.808   6.607   -4.920  1.00 27.94 ? 40  SER A O   1 
ATOM   349 C CB  . SER A 1 42 ? 1.802   4.198   -3.473  1.00 30.40 ? 40  SER A CB  1 
ATOM   350 O OG  . SER A 1 42 ? 2.230   4.986   -2.378  1.00 29.36 ? 40  SER A OG  1 
ATOM   351 N N   . ARG A 1 43 ? 4.417   4.324   -5.140  1.00 30.41 ? 41  ARG A N   1 
ATOM   352 C CA  . ARG A 1 43 ? 5.900   4.567   -5.366  1.00 32.71 ? 41  ARG A CA  1 
ATOM   353 C C   . ARG A 1 43 ? 6.105   5.527   -6.525  1.00 33.17 ? 41  ARG A C   1 
ATOM   354 O O   . ARG A 1 43 ? 6.838   6.557   -6.381  1.00 31.79 ? 41  ARG A O   1 
ATOM   355 C CB  . ARG A 1 43 ? 6.670   3.233   -5.612  1.00 33.07 ? 41  ARG A CB  1 
ATOM   356 C CG  . ARG A 1 43 ? 7.027   2.544   -4.285  1.00 34.54 ? 41  ARG A CG  1 
ATOM   357 C CD  . ARG A 1 43 ? 8.282   1.618   -4.369  1.00 38.88 ? 41  ARG A CD  1 
ATOM   358 N NE  . ARG A 1 43 ? 8.043   0.562   -5.364  1.00 50.74 ? 41  ARG A NE  1 
ATOM   359 C CZ  . ARG A 1 43 ? 7.870   -0.739  -5.112  1.00 55.63 ? 41  ARG A CZ  1 
ATOM   360 N NH1 . ARG A 1 43 ? 7.957   -1.236  -3.865  1.00 55.52 ? 41  ARG A NH1 1 
ATOM   361 N NH2 . ARG A 1 43 ? 7.607   -1.555  -6.139  1.00 58.02 ? 41  ARG A NH2 1 
ATOM   362 N N   . TYR A 1 44 ? 5.420   5.239   -7.637  1.00 31.54 ? 42  TYR A N   1 
ATOM   363 C CA  . TYR A 1 44 ? 5.564   6.039   -8.879  1.00 32.17 ? 42  TYR A CA  1 
ATOM   364 C C   . TYR A 1 44 ? 5.085   7.471   -8.708  1.00 32.11 ? 42  TYR A C   1 
ATOM   365 O O   . TYR A 1 44 ? 5.851   8.422   -9.050  1.00 31.25 ? 42  TYR A O   1 
ATOM   366 C CB  . TYR A 1 44 ? 4.807   5.422   -10.031 1.00 30.37 ? 42  TYR A CB  1 
ATOM   367 C CG  . TYR A 1 44 ? 4.774   6.277   -11.302 1.00 29.98 ? 42  TYR A CG  1 
ATOM   368 C CD1 . TYR A 1 44 ? 5.984   6.583   -12.044 1.00 27.72 ? 42  TYR A CD1 1 
ATOM   369 C CD2 . TYR A 1 44 ? 3.582   6.782   -11.767 1.00 27.99 ? 42  TYR A CD2 1 
ATOM   370 C CE1 . TYR A 1 44 ? 5.906   7.344   -13.245 1.00 27.64 ? 42  TYR A CE1 1 
ATOM   371 C CE2 . TYR A 1 44 ? 3.497   7.559   -12.961 1.00 31.81 ? 42  TYR A CE2 1 
ATOM   372 C CZ  . TYR A 1 44 ? 4.710   7.869   -13.633 1.00 26.51 ? 42  TYR A CZ  1 
ATOM   373 O OH  . TYR A 1 44 ? 4.575   8.554   -14.772 1.00 32.53 ? 42  TYR A OH  1 
ATOM   374 N N   . PHE A 1 45 ? 3.852   7.650   -8.218  1.00 30.00 ? 43  PHE A N   1 
ATOM   375 C CA  . PHE A 1 45 ? 3.382   9.002   -7.901  1.00 31.67 ? 43  PHE A CA  1 
ATOM   376 C C   . PHE A 1 45 ? 4.177   9.726   -6.829  1.00 32.92 ? 43  PHE A C   1 
ATOM   377 O O   . PHE A 1 45 ? 4.354   10.989  -6.926  1.00 30.84 ? 43  PHE A O   1 
ATOM   378 C CB  . PHE A 1 45 ? 1.871   9.004   -7.565  1.00 30.12 ? 43  PHE A CB  1 
ATOM   379 C CG  . PHE A 1 45 ? 0.990   8.494   -8.716  1.00 32.20 ? 43  PHE A CG  1 
ATOM   380 C CD1 . PHE A 1 45 ? 1.001   9.120   -9.961  1.00 36.29 ? 43  PHE A CD1 1 
ATOM   381 C CD2 . PHE A 1 45 ? 0.175   7.362   -8.545  1.00 33.10 ? 43  PHE A CD2 1 
ATOM   382 C CE1 . PHE A 1 45 ? 0.266   8.673   -11.042 1.00 38.22 ? 43  PHE A CE1 1 
ATOM   383 C CE2 . PHE A 1 45 ? -0.597  6.903   -9.646  1.00 32.10 ? 43  PHE A CE2 1 
ATOM   384 C CZ  . PHE A 1 45 ? -0.566  7.533   -10.873 1.00 34.80 ? 43  PHE A CZ  1 
ATOM   385 N N   . LEU A 1 46 ? 4.639   9.003   -5.809  1.00 31.79 ? 44  LEU A N   1 
ATOM   386 C CA  . LEU A 1 46 ? 5.433   9.641   -4.771  1.00 35.91 ? 44  LEU A CA  1 
ATOM   387 C C   . LEU A 1 46 ? 6.682   10.246  -5.413  1.00 37.27 ? 44  LEU A C   1 
ATOM   388 O O   . LEU A 1 46 ? 6.991   11.406  -5.190  1.00 37.48 ? 44  LEU A O   1 
ATOM   389 C CB  . LEU A 1 46 ? 5.805   8.679   -3.662  1.00 35.15 ? 44  LEU A CB  1 
ATOM   390 C CG  . LEU A 1 46 ? 6.644   9.373   -2.556  1.00 37.78 ? 44  LEU A CG  1 
ATOM   391 C CD1 . LEU A 1 46 ? 5.882   10.554  -1.756  1.00 32.39 ? 44  LEU A CD1 1 
ATOM   392 C CD2 . LEU A 1 46 ? 7.198   8.341   -1.602  1.00 35.45 ? 44  LEU A CD2 1 
ATOM   393 N N   . GLU A 1 47 ? 7.354   9.463   -6.251  1.00 38.33 ? 45  GLU A N   1 
ATOM   394 C CA  . GLU A 1 47 ? 8.585   9.934   -6.855  1.00 40.96 ? 45  GLU A CA  1 
ATOM   395 C C   . GLU A 1 47 ? 8.438   11.180  -7.724  1.00 41.10 ? 45  GLU A C   1 
ATOM   396 O O   . GLU A 1 47 ? 9.274   12.079  -7.622  1.00 42.92 ? 45  GLU A O   1 
ATOM   397 C CB  . GLU A 1 47 ? 9.333   8.825   -7.581  1.00 42.09 ? 45  GLU A CB  1 
ATOM   398 C CG  . GLU A 1 47 ? 10.812  9.230   -7.728  1.00 49.55 ? 45  GLU A CG  1 
ATOM   399 C CD  . GLU A 1 47 ? 11.742  8.262   -7.054  1.00 58.26 ? 45  GLU A CD  1 
ATOM   400 O OE1 . GLU A 1 47 ? 12.611  8.742   -6.280  1.00 63.39 ? 45  GLU A OE1 1 
ATOM   401 O OE2 . GLU A 1 47 ? 11.615  7.024   -7.302  1.00 63.12 ? 45  GLU A OE2 1 
ATOM   402 N N   . LYS A 1 48 ? 7.385   11.259  -8.537  1.00 39.94 ? 46  LYS A N   1 
ATOM   403 C CA  . LYS A 1 48 ? 7.169   12.436  -9.400  1.00 40.57 ? 46  LYS A CA  1 
ATOM   404 C C   . LYS A 1 48 ? 6.424   13.569  -8.693  1.00 39.54 ? 46  LYS A C   1 
ATOM   405 O O   . LYS A 1 48 ? 6.065   14.567  -9.340  1.00 39.82 ? 46  LYS A O   1 
ATOM   406 C CB  . LYS A 1 48 ? 6.426   12.062  -10.675 1.00 40.06 ? 46  LYS A CB  1 
ATOM   407 C CG  . LYS A 1 48 ? 5.008   11.579  -10.440 1.00 41.95 ? 46  LYS A CG  1 
ATOM   408 C CD  . LYS A 1 48 ? 4.327   11.002  -11.682 1.00 41.11 ? 46  LYS A CD  1 
ATOM   409 C CE  . LYS A 1 48 ? 4.297   11.986  -12.847 1.00 42.01 ? 46  LYS A CE  1 
ATOM   410 N NZ  . LYS A 1 48 ? 3.166   12.955  -12.867 1.00 34.91 ? 46  LYS A NZ  1 
ATOM   411 N N   . GLY A 1 49 ? 6.132   13.402  -7.401  1.00 38.23 ? 47  GLY A N   1 
ATOM   412 C CA  . GLY A 1 49 ? 5.478   14.474  -6.621  1.00 36.84 ? 47  GLY A CA  1 
ATOM   413 C C   . GLY A 1 49 ? 3.975   14.574  -6.769  1.00 35.39 ? 47  GLY A C   1 
ATOM   414 O O   . GLY A 1 49 ? 3.400   15.608  -6.511  1.00 34.62 ? 47  GLY A O   1 
ATOM   415 N N   . ASP A 1 50 ? 3.278   13.488  -7.166  1.00 32.48 ? 48  ASP A N   1 
ATOM   416 C CA  . ASP A 1 50 ? 1.856   13.620  -7.152  1.00 31.79 ? 48  ASP A CA  1 
ATOM   417 C C   . ASP A 1 50 ? 1.394   13.054  -5.800  1.00 32.39 ? 48  ASP A C   1 
ATOM   418 O O   . ASP A 1 50 ? 0.963   11.854  -5.714  1.00 30.03 ? 48  ASP A O   1 
ATOM   419 C CB  . ASP A 1 50 ? 1.187   12.919  -8.342  1.00 32.02 ? 48  ASP A CB  1 
ATOM   420 C CG  . ASP A 1 50 ? -0.265  13.258  -8.481  1.00 35.08 ? 48  ASP A CG  1 
ATOM   421 O OD1 . ASP A 1 50 ? -1.023  13.720  -7.502  1.00 40.03 ? 48  ASP A OD1 1 
ATOM   422 O OD2 . ASP A 1 50 ? -0.704  13.077  -9.639  1.00 42.50 ? 48  ASP A OD2 1 
ATOM   423 N N   . LEU A 1 51 ? 1.445   13.883  -4.768  1.00 30.59 ? 49  LEU A N   1 
ATOM   424 C CA  . LEU A 1 51 ? 1.233   13.437  -3.353  1.00 30.55 ? 49  LEU A CA  1 
ATOM   425 C C   . LEU A 1 51 ? -0.152  12.896  -3.046  1.00 30.59 ? 49  LEU A C   1 
ATOM   426 O O   . LEU A 1 51 ? -0.261  11.798  -2.364  1.00 30.96 ? 49  LEU A O   1 
ATOM   427 C CB  . LEU A 1 51 ? 1.620   14.541  -2.358  1.00 31.68 ? 49  LEU A CB  1 
ATOM   428 C CG  . LEU A 1 51 ? 3.093   14.890  -2.439  1.00 33.36 ? 49  LEU A CG  1 
ATOM   429 C CD1 . LEU A 1 51 ? 3.340   16.054  -1.447  1.00 32.26 ? 49  LEU A CD1 1 
ATOM   430 C CD2 . LEU A 1 51 ? 3.998   13.745  -2.105  1.00 34.72 ? 49  LEU A CD2 1 
ATOM   431 N N   . VAL A 1 52 ? -1.185  13.541  -3.595  1.00 28.59 ? 50  VAL A N   1 
ATOM   432 C CA  . VAL A 1 52 ? -2.562  13.091  -3.305  1.00 29.97 ? 50  VAL A CA  1 
ATOM   433 C C   . VAL A 1 52 ? -2.715  11.676  -3.898  1.00 29.92 ? 50  VAL A C   1 
ATOM   434 O O   . VAL A 1 52 ? -3.241  10.737  -3.201  1.00 30.53 ? 50  VAL A O   1 
ATOM   435 C CB  . VAL A 1 52 ? -3.623  13.963  -3.957  1.00 30.90 ? 50  VAL A CB  1 
ATOM   436 C CG1 . VAL A 1 52 ? -4.968  13.554  -3.565  1.00 28.20 ? 50  VAL A CG1 1 
ATOM   437 C CG2 . VAL A 1 52 ? -3.488  15.436  -3.440  1.00 27.33 ? 50  VAL A CG2 1 
ATOM   438 N N   . ARG A 1 53 ? -2.293  11.507  -5.161  1.00 28.94 ? 51  ARG A N   1 
ATOM   439 C CA  . ARG A 1 53 ? -2.474  10.119  -5.785  1.00 29.63 ? 51  ARG A CA  1 
ATOM   440 C C   . ARG A 1 53 ? -1.507  9.183   -5.092  1.00 29.59 ? 51  ARG A C   1 
ATOM   441 O O   . ARG A 1 53 ? -1.839  7.975   -4.844  1.00 27.96 ? 51  ARG A O   1 
ATOM   442 C CB  . ARG A 1 53 ? -2.263  10.093  -7.296  1.00 28.95 ? 51  ARG A CB  1 
ATOM   443 C CG  . ARG A 1 53 ? -3.181  10.968  -8.143  1.00 35.39 ? 51  ARG A CG  1 
ATOM   444 C CD  . ARG A 1 53 ? -4.616  10.484  -8.254  1.00 47.28 ? 51  ARG A CD  1 
ATOM   445 N NE  . ARG A 1 53 ? -5.475  11.127  -7.239  1.00 54.60 ? 51  ARG A NE  1 
ATOM   446 C CZ  . ARG A 1 53 ? -6.803  11.209  -7.288  1.00 55.46 ? 51  ARG A CZ  1 
ATOM   447 N NH1 . ARG A 1 53 ? -7.449  11.804  -6.297  1.00 57.34 ? 51  ARG A NH1 1 
ATOM   448 N NH2 . ARG A 1 53 ? -7.481  10.695  -8.316  1.00 60.43 ? 51  ARG A NH2 1 
ATOM   449 N N   . ALA A 1 54 ? -0.329  9.655   -4.706  1.00 27.29 ? 52  ALA A N   1 
ATOM   450 C CA  . ALA A 1 54 ? 0.582   8.759   -4.004  1.00 29.37 ? 52  ALA A CA  1 
ATOM   451 C C   . ALA A 1 54 ? -0.041  8.249   -2.715  1.00 30.00 ? 52  ALA A C   1 
ATOM   452 O O   . ALA A 1 54 ? 0.057   7.063   -2.434  1.00 28.10 ? 52  ALA A O   1 
ATOM   453 C CB  . ALA A 1 54 ? 1.918   9.342   -3.699  1.00 28.81 ? 52  ALA A CB  1 
ATOM   454 N N   . PHE A 1 55 ? -0.594  9.152   -1.899  1.00 27.39 ? 53  PHE A N   1 
ATOM   455 C CA  . PHE A 1 55 ? -1.234  8.741   -0.662  1.00 28.10 ? 53  PHE A CA  1 
ATOM   456 C C   . PHE A 1 55 ? -2.467  7.870   -0.924  1.00 26.11 ? 53  PHE A C   1 
ATOM   457 O O   . PHE A 1 55 ? -2.667  6.775   -0.264  1.00 28.65 ? 53  PHE A O   1 
ATOM   458 C CB  . PHE A 1 55 ? -1.623  9.924   0.168   1.00 26.66 ? 53  PHE A CB  1 
ATOM   459 C CG  . PHE A 1 55 ? -2.210  9.608   1.511   1.00 24.37 ? 53  PHE A CG  1 
ATOM   460 C CD1 . PHE A 1 55 ? -1.477  9.012   2.530   1.00 26.90 ? 53  PHE A CD1 1 
ATOM   461 C CD2 . PHE A 1 55 ? -3.558  10.010  1.745   1.00 22.45 ? 53  PHE A CD2 1 
ATOM   462 C CE1 . PHE A 1 55 ? -2.053  8.820   3.787   1.00 21.04 ? 53  PHE A CE1 1 
ATOM   463 C CE2 . PHE A 1 55 ? -4.123  9.881   3.076   1.00 21.93 ? 53  PHE A CE2 1 
ATOM   464 C CZ  . PHE A 1 55 ? -3.346  9.252   4.060   1.00 21.03 ? 53  PHE A CZ  1 
ATOM   465 N N   . GLU A 1 56 ? -3.285  8.280   -1.890  1.00 24.38 ? 54  GLU A N   1 
ATOM   466 C CA  . GLU A 1 56 ? -4.494  7.565   -2.253  1.00 26.60 ? 54  GLU A CA  1 
ATOM   467 C C   . GLU A 1 56 ? -4.103  6.108   -2.559  1.00 22.52 ? 54  GLU A C   1 
ATOM   468 O O   . GLU A 1 56 ? -4.812  5.123   -2.092  1.00 26.62 ? 54  GLU A O   1 
ATOM   469 C CB  . GLU A 1 56 ? -5.065  8.215   -3.492  1.00 26.42 ? 54  GLU A CB  1 
ATOM   470 C CG  . GLU A 1 56 ? -6.480  7.712   -3.853  1.00 26.74 ? 54  GLU A CG  1 
ATOM   471 C CD  . GLU A 1 56 ? -7.020  8.246   -5.171  1.00 29.93 ? 54  GLU A CD  1 
ATOM   472 O OE1 . GLU A 1 56 ? -6.292  8.509   -6.129  1.00 37.89 ? 54  GLU A OE1 1 
ATOM   473 O OE2 . GLU A 1 56 ? -8.219  8.393   -5.251  1.00 35.24 ? 54  GLU A OE2 1 
ATOM   474 N N   . CYS A 1 57 ? -3.042  5.893   -3.335  1.00 22.38 ? 55  CYS A N   1 
ATOM   475 C CA  . CYS A 1 57 ? -2.664  4.429   -3.704  1.00 23.12 ? 55  CYS A CA  1 
ATOM   476 C C   . CYS A 1 57 ? -2.166  3.643   -2.500  1.00 24.70 ? 55  CYS A C   1 
ATOM   477 O O   . CYS A 1 57 ? -2.565  2.354   -2.362  1.00 22.17 ? 55  CYS A O   1 
ATOM   478 C CB  . CYS A 1 57 ? -1.695  4.362   -4.929  1.00 21.33 ? 55  CYS A CB  1 
ATOM   479 S SG  . CYS A 1 57 ? -2.352  4.975   -6.421  1.00 27.75 ? 55  CYS A SG  1 
ATOM   480 N N   . VAL A 1 58 ? -1.402  4.217   -1.553  1.00 21.84 ? 56  VAL A N   1 
ATOM   481 C CA  . VAL A 1 58 ? -0.923  3.529   -0.341  1.00 27.61 ? 56  VAL A CA  1 
ATOM   482 C C   . VAL A 1 58 ? -2.114  3.041   0.560   1.00 26.81 ? 56  VAL A C   1 
ATOM   483 O O   . VAL A 1 58 ? -2.138  1.830   1.027   1.00 28.93 ? 56  VAL A O   1 
ATOM   484 C CB  . VAL A 1 58 ? 0.228   4.248   0.430   1.00 26.80 ? 56  VAL A CB  1 
ATOM   485 C CG1 . VAL A 1 58 ? -0.307  5.249   1.423   1.00 27.86 ? 56  VAL A CG1 1 
ATOM   486 C CG2 . VAL A 1 58 ? 1.080   3.148   1.181   1.00 30.55 ? 56  VAL A CG2 1 
ATOM   487 N N   . VAL A 1 59 ? -3.175  3.864   0.627   1.00 26.96 ? 57  VAL A N   1 
ATOM   488 C CA  . VAL A 1 59 ? -4.347  3.562   1.464   1.00 25.27 ? 57  VAL A CA  1 
ATOM   489 C C   . VAL A 1 59 ? -5.035  2.414   0.738   1.00 26.80 ? 57  VAL A C   1 
ATOM   490 O O   . VAL A 1 59 ? -5.391  1.432   1.445   1.00 26.85 ? 57  VAL A O   1 
ATOM   491 C CB  . VAL A 1 59 ? -5.298  4.664   1.531   1.00 27.14 ? 57  VAL A CB  1 
ATOM   492 C CG1 . VAL A 1 59 ? -6.439  4.351   2.375   1.00 26.50 ? 57  VAL A CG1 1 
ATOM   493 C CG2 . VAL A 1 59 ? -4.563  5.870   2.309   1.00 17.48 ? 57  VAL A CG2 1 
ATOM   494 N N   . TRP A 1 60 ? -5.264  2.537   -0.578  1.00 25.29 ? 58  TRP A N   1 
ATOM   495 C CA  . TRP A 1 60 ? -5.893  1.345   -1.308  1.00 27.50 ? 58  TRP A CA  1 
ATOM   496 C C   . TRP A 1 60 ? -5.051  0.117   -1.091  1.00 29.78 ? 58  TRP A C   1 
ATOM   497 O O   . TRP A 1 60 ? -5.661  -1.025  -0.904  1.00 29.40 ? 58  TRP A O   1 
ATOM   498 C CB  . TRP A 1 60 ? -6.072  1.606   -2.823  1.00 26.41 ? 58  TRP A CB  1 
ATOM   499 C CG  . TRP A 1 60 ? -7.373  2.334   -3.123  1.00 29.33 ? 58  TRP A CG  1 
ATOM   500 C CD1 . TRP A 1 60 ? -7.539  3.706   -3.308  1.00 21.62 ? 58  TRP A CD1 1 
ATOM   501 C CD2 . TRP A 1 60 ? -8.676  1.778   -3.178  1.00 26.70 ? 58  TRP A CD2 1 
ATOM   502 N NE1 . TRP A 1 60 ? -8.811  4.024   -3.596  1.00 23.97 ? 58  TRP A NE1 1 
ATOM   503 C CE2 . TRP A 1 60 ? -9.572  2.842   -3.486  1.00 28.71 ? 58  TRP A CE2 1 
ATOM   504 C CE3 . TRP A 1 60 ? -9.185  0.461   -2.998  1.00 34.16 ? 58  TRP A CE3 1 
ATOM   505 C CZ2 . TRP A 1 60 ? -10.930 2.681   -3.570  1.00 29.60 ? 58  TRP A CZ2 1 
ATOM   506 C CZ3 . TRP A 1 60 ? -10.545 0.285   -3.154  1.00 26.16 ? 58  TRP A CZ3 1 
ATOM   507 C CH2 . TRP A 1 60 ? -11.423 1.364   -3.431  1.00 30.36 ? 58  TRP A CH2 1 
ATOM   508 N N   . ALA A 1 61 ? -3.718  0.222   -1.242  1.00 26.80 ? 59  ALA A N   1 
ATOM   509 C CA  . ALA A 1 61 ? -2.866  -1.005  -1.000  1.00 29.43 ? 59  ALA A CA  1 
ATOM   510 C C   . ALA A 1 61 ? -3.114  -1.635  0.395   1.00 30.10 ? 59  ALA A C   1 
ATOM   511 O O   . ALA A 1 61 ? -3.404  -2.900  0.516   1.00 29.28 ? 59  ALA A O   1 
ATOM   512 C CB  . ALA A 1 61 ? -1.368  -0.734  -1.246  1.00 27.97 ? 59  ALA A CB  1 
ATOM   513 N N   . TRP A 1 62 ? -3.115  -0.787  1.426   1.00 27.11 ? 60  TRP A N   1 
ATOM   514 C CA  . TRP A 1 62 ? -3.424  -1.252  2.774   1.00 30.78 ? 60  TRP A CA  1 
ATOM   515 C C   . TRP A 1 62 ? -4.838  -1.840  2.968   1.00 30.36 ? 60  TRP A C   1 
ATOM   516 O O   . TRP A 1 62 ? -4.997  -2.843  3.718   1.00 31.90 ? 60  TRP A O   1 
ATOM   517 C CB  . TRP A 1 62 ? -3.147  -0.131  3.776   1.00 29.85 ? 60  TRP A CB  1 
ATOM   518 C CG  . TRP A 1 62 ? -1.727  -0.137  4.203   1.00 27.16 ? 60  TRP A CG  1 
ATOM   519 C CD1 . TRP A 1 62 ? -0.735  0.820   3.878   1.00 24.76 ? 60  TRP A CD1 1 
ATOM   520 C CD2 . TRP A 1 62 ? -1.084  -1.084  5.073   1.00 27.90 ? 60  TRP A CD2 1 
ATOM   521 N NE1 . TRP A 1 62 ? 0.425   0.469   4.473   1.00 26.59 ? 60  TRP A NE1 1 
ATOM   522 C CE2 . TRP A 1 62 ? 0.256   -0.664  5.236   1.00 31.24 ? 60  TRP A CE2 1 
ATOM   523 C CE3 . TRP A 1 62 ? -1.519  -2.261  5.743   1.00 30.49 ? 60  TRP A CE3 1 
ATOM   524 C CZ2 . TRP A 1 62 ? 1.183   -1.382  6.011   1.00 31.04 ? 60  TRP A CZ2 1 
ATOM   525 C CZ3 . TRP A 1 62 ? -0.612  -2.943  6.513   1.00 26.71 ? 60  TRP A CZ3 1 
ATOM   526 C CH2 . TRP A 1 62 ? 0.725   -2.527  6.628   1.00 29.90 ? 60  TRP A CH2 1 
ATOM   527 N N   . ALA A 1 63 ? -5.849  -1.269  2.287   1.00 30.47 ? 61  ALA A N   1 
ATOM   528 C CA  . ALA A 1 63 ? -7.217  -1.737  2.454   1.00 28.92 ? 61  ALA A CA  1 
ATOM   529 C C   . ALA A 1 63 ? -7.328  -3.147  1.845   1.00 31.01 ? 61  ALA A C   1 
ATOM   530 O O   . ALA A 1 63 ? -7.994  -3.981  2.440   1.00 32.96 ? 61  ALA A O   1 
ATOM   531 C CB  . ALA A 1 63 ? -8.252  -0.834  1.797   1.00 28.07 ? 61  ALA A CB  1 
ATOM   532 N N   . TRP A 1 64 ? -6.746  -3.390  0.675   1.00 31.31 ? 62  TRP A N   1 
ATOM   533 C CA  . TRP A 1 64 ? -6.823  -4.747  0.013   1.00 31.66 ? 62  TRP A CA  1 
ATOM   534 C C   . TRP A 1 64 ? -6.145  -5.751  0.935   1.00 33.43 ? 62  TRP A C   1 
ATOM   535 O O   . TRP A 1 64 ? -6.635  -6.925  1.073   1.00 33.33 ? 62  TRP A O   1 
ATOM   536 C CB  . TRP A 1 64 ? -6.145  -4.785  -1.363  1.00 31.68 ? 62  TRP A CB  1 
ATOM   537 C CG  . TRP A 1 64 ? -7.063  -4.258  -2.457  1.00 33.97 ? 62  TRP A CG  1 
ATOM   538 C CD1 . TRP A 1 64 ? -7.096  -2.977  -2.944  1.00 33.72 ? 62  TRP A CD1 1 
ATOM   539 C CD2 . TRP A 1 64 ? -8.115  -4.971  -3.100  1.00 36.85 ? 62  TRP A CD2 1 
ATOM   540 N NE1 . TRP A 1 64 ? -8.111  -2.860  -3.889  1.00 40.28 ? 62  TRP A NE1 1 
ATOM   541 C CE2 . TRP A 1 64 ? -8.751  -4.075  -3.994  1.00 37.90 ? 62  TRP A CE2 1 
ATOM   542 C CE3 . TRP A 1 64 ? -8.584  -6.301  -3.013  1.00 37.21 ? 62  TRP A CE3 1 
ATOM   543 C CZ2 . TRP A 1 64 ? -9.840  -4.463  -4.797  1.00 37.77 ? 62  TRP A CZ2 1 
ATOM   544 C CZ3 . TRP A 1 64 ? -9.653  -6.690  -3.841  1.00 35.99 ? 62  TRP A CZ3 1 
ATOM   545 C CH2 . TRP A 1 64 ? -10.270 -5.783  -4.698  1.00 34.75 ? 62  TRP A CH2 1 
ATOM   546 N N   . LEU A 1 65 ? -5.013  -5.329  1.512   1.00 32.23 ? 63  LEU A N   1 
ATOM   547 C CA  . LEU A 1 65 ? -4.257  -6.125  2.481   1.00 30.66 ? 63  LEU A CA  1 
ATOM   548 C C   . LEU A 1 65 ? -5.038  -6.389  3.773   1.00 32.76 ? 63  LEU A C   1 
ATOM   549 O O   . LEU A 1 65 ? -5.307  -7.600  4.099   1.00 30.63 ? 63  LEU A O   1 
ATOM   550 C CB  . LEU A 1 65 ? -2.856  -5.514  2.751   1.00 31.21 ? 63  LEU A CB  1 
ATOM   551 C CG  . LEU A 1 65 ? -1.865  -6.417  3.481   1.00 30.39 ? 63  LEU A CG  1 
ATOM   552 C CD1 . LEU A 1 65 ? -0.470  -5.814  3.329   1.00 33.65 ? 63  LEU A CD1 1 
ATOM   553 C CD2 . LEU A 1 65 ? -2.209  -6.605  4.938   1.00 28.97 ? 63  LEU A CD2 1 
ATOM   554 N N   . GLU A 1 66 ? -5.490  -5.345  4.480   1.00 30.34 ? 64  GLU A N   1 
ATOM   555 C CA  . GLU A 1 66 ? -6.264  -5.492  5.731   1.00 34.98 ? 64  GLU A CA  1 
ATOM   556 C C   . GLU A 1 66 ? -7.594  -6.242  5.561   1.00 35.14 ? 64  GLU A C   1 
ATOM   557 O O   . GLU A 1 66 ? -7.869  -7.117  6.330   1.00 36.19 ? 64  GLU A O   1 
ATOM   558 C CB  . GLU A 1 66 ? -6.528  -4.186  6.444   1.00 34.65 ? 64  GLU A CB  1 
ATOM   559 C CG  . GLU A 1 66 ? -5.237  -3.651  7.066   1.00 37.37 ? 64  GLU A CG  1 
ATOM   560 C CD  . GLU A 1 66 ? -4.604  -4.599  8.119   1.00 39.07 ? 64  GLU A CD  1 
ATOM   561 O OE1 . GLU A 1 66 ? -5.118  -4.754  9.237   1.00 42.41 ? 64  GLU A OE1 1 
ATOM   562 O OE2 . GLU A 1 66 ? -3.548  -5.135  7.841   1.00 45.10 ? 64  GLU A OE2 1 
ATOM   563 N N   . ILE A 1 67 ? -8.349  -5.906  4.530   1.00 36.84 ? 65  ILE A N   1 
ATOM   564 C CA  . ILE A 1 67 ? -9.652  -6.522  4.269   1.00 38.89 ? 65  ILE A CA  1 
ATOM   565 C C   . ILE A 1 67 ? -9.486  -7.971  3.770   1.00 39.39 ? 65  ILE A C   1 
ATOM   566 O O   . ILE A 1 67 ? -10.311 -8.838  4.119   1.00 42.22 ? 65  ILE A O   1 
ATOM   567 C CB  . ILE A 1 67 ? -10.578 -5.652  3.352   1.00 39.32 ? 65  ILE A CB  1 
ATOM   568 C CG1 . ILE A 1 67 ? -10.830 -4.272  3.994   1.00 37.78 ? 65  ILE A CG1 1 
ATOM   569 C CG2 . ILE A 1 67 ? -11.897 -6.379  3.094   1.00 39.34 ? 65  ILE A CG2 1 
ATOM   570 C CD1 . ILE A 1 67 ? -11.380 -3.168  3.020   1.00 39.56 ? 65  ILE A CD1 1 
ATOM   571 N N   . GLY A 1 68 ? -8.446  -8.218  2.977   1.00 38.63 ? 66  GLY A N   1 
ATOM   572 C CA  . GLY A 1 68 ? -8.032  -9.559  2.585   1.00 39.36 ? 66  GLY A CA  1 
ATOM   573 C C   . GLY A 1 68 ? -7.784  -10.437 3.811   1.00 40.34 ? 66  GLY A C   1 
ATOM   574 O O   . GLY A 1 68 ? -8.268  -11.586 3.861   1.00 39.30 ? 66  GLY A O   1 
ATOM   575 N N   . LEU A 1 69 ? -7.002  -9.914  4.776   1.00 39.96 ? 67  LEU A N   1 
ATOM   576 C CA  . LEU A 1 69 ? -6.773  -10.603 6.072   1.00 40.54 ? 67  LEU A CA  1 
ATOM   577 C C   . LEU A 1 69 ? -8.086  -10.845 6.846   1.00 43.12 ? 67  LEU A C   1 
ATOM   578 O O   . LEU A 1 69 ? -8.335  -11.983 7.324   1.00 41.81 ? 67  LEU A O   1 
ATOM   579 C CB  . LEU A 1 69 ? -5.769  -9.847  6.955   1.00 39.36 ? 67  LEU A CB  1 
ATOM   580 C CG  . LEU A 1 69 ? -4.288  -9.972  6.583   1.00 35.33 ? 67  LEU A CG  1 
ATOM   581 C CD1 . LEU A 1 69 ? -3.437  -9.073  7.441   1.00 35.20 ? 67  LEU A CD1 1 
ATOM   582 C CD2 . LEU A 1 69 ? -3.780  -11.439 6.680   1.00 35.55 ? 67  LEU A CD2 1 
ATOM   583 N N   . GLU A 1 70 ? -8.933  -9.802  6.935   1.00 42.85 ? 68  GLU A N   1 
ATOM   584 C CA  . GLU A 1 70 ? -10.205 -9.905  7.659   1.00 45.81 ? 68  GLU A CA  1 
ATOM   585 C C   . GLU A 1 70 ? -11.126 -11.000 7.100   1.00 45.46 ? 68  GLU A C   1 
ATOM   586 O O   . GLU A 1 70 ? -11.728 -11.741 7.859   1.00 46.11 ? 68  GLU A O   1 
ATOM   587 C CB  . GLU A 1 70 ? -10.946 -8.564  7.706   1.00 46.28 ? 68  GLU A CB  1 
ATOM   588 C CG  . GLU A 1 70 ? -12.069 -8.505  8.776   1.00 51.92 ? 68  GLU A CG  1 
ATOM   589 C CD  . GLU A 1 70 ? -11.524 -8.671  10.186  1.00 58.64 ? 68  GLU A CD  1 
ATOM   590 O OE1 . GLU A 1 70 ? -10.551 -7.972  10.536  1.00 61.07 ? 68  GLU A OE1 1 
ATOM   591 O OE2 . GLU A 1 70 ? -12.059 -9.514  10.948  1.00 62.96 ? 68  GLU A OE2 1 
ATOM   592 N N   . VAL A 1 71 ? -11.239 -11.097 5.783   1.00 45.52 ? 69  VAL A N   1 
ATOM   593 C CA  . VAL A 1 71 ? -12.198 -12.028 5.186   1.00 45.81 ? 69  VAL A CA  1 
ATOM   594 C C   . VAL A 1 71 ? -11.569 -13.402 4.923   1.00 46.01 ? 69  VAL A C   1 
ATOM   595 O O   . VAL A 1 71 ? -12.208 -14.312 4.337   1.00 47.07 ? 69  VAL A O   1 
ATOM   596 C CB  . VAL A 1 71 ? -12.845 -11.455 3.894   1.00 45.34 ? 69  VAL A CB  1 
ATOM   597 C CG1 . VAL A 1 71 ? -13.612 -10.151 4.191   1.00 45.76 ? 69  VAL A CG1 1 
ATOM   598 C CG2 . VAL A 1 71 ? -11.823 -11.300 2.773   1.00 45.00 ? 69  VAL A CG2 1 
ATOM   599 N N   . GLY A 1 72 ? -10.317 -13.537 5.358   1.00 44.99 ? 70  GLY A N   1 
ATOM   600 C CA  . GLY A 1 72 ? -9.493  -14.716 5.145   1.00 45.23 ? 70  GLY A CA  1 
ATOM   601 C C   . GLY A 1 72 ? -9.209  -15.075 3.699   1.00 46.20 ? 70  GLY A C   1 
ATOM   602 O O   . GLY A 1 72 ? -9.193  -16.254 3.349   1.00 46.40 ? 70  GLY A O   1 
ATOM   603 N N   . LYS A 1 73 ? -9.026  -14.070 2.841   1.00 44.46 ? 71  LYS A N   1 
ATOM   604 C CA  . LYS A 1 73 ? -8.453  -14.267 1.502   1.00 44.89 ? 71  LYS A CA  1 
ATOM   605 C C   . LYS A 1 73 ? -6.919  -14.226 1.525   1.00 44.29 ? 71  LYS A C   1 
ATOM   606 O O   . LYS A 1 73 ? -6.259  -14.674 0.564   1.00 45.04 ? 71  LYS A O   1 
ATOM   607 C CB  . LYS A 1 73 ? -8.987  -13.213 0.524   1.00 45.11 ? 71  LYS A CB  1 
ATOM   608 C CG  . LYS A 1 73 ? -10.462 -13.333 0.178   1.00 48.67 ? 71  LYS A CG  1 
ATOM   609 C CD  . LYS A 1 73 ? -10.712 -14.443 -0.858  1.00 52.57 ? 71  LYS A CD  1 
ATOM   610 C CE  . LYS A 1 73 ? -12.110 -14.342 -1.472  1.00 54.02 ? 71  LYS A CE  1 
ATOM   611 N NZ  . LYS A 1 73 ? -12.059 -14.875 -2.864  1.00 56.39 ? 71  LYS A NZ  1 
ATOM   612 N N   . LEU A 1 74 ? -6.375  -13.678 2.625   1.00 43.31 ? 72  LEU A N   1 
ATOM   613 C CA  . LEU A 1 74 ? -4.952  -13.552 2.877   1.00 42.07 ? 72  LEU A CA  1 
ATOM   614 C C   . LEU A 1 74 ? -4.688  -14.049 4.273   1.00 42.49 ? 72  LEU A C   1 
ATOM   615 O O   . LEU A 1 74 ? -5.541  -13.925 5.126   1.00 40.77 ? 72  LEU A O   1 
ATOM   616 C CB  . LEU A 1 74 ? -4.494  -12.065 2.813   1.00 41.02 ? 72  LEU A CB  1 
ATOM   617 C CG  . LEU A 1 74 ? -4.668  -11.359 1.493   1.00 40.69 ? 72  LEU A CG  1 
ATOM   618 C CD1 . LEU A 1 74 ? -4.140  -9.894  1.553   1.00 39.83 ? 72  LEU A CD1 1 
ATOM   619 C CD2 . LEU A 1 74 ? -3.942  -12.159 0.428   1.00 42.74 ? 72  LEU A CD2 1 
ATOM   620 N N   . HIS A 1 75 ? -3.465  -14.539 4.491   1.00 44.59 ? 73  HIS A N   1 
ATOM   621 C CA  . HIS A 1 75 ? -3.058  -15.137 5.758   1.00 47.90 ? 73  HIS A CA  1 
ATOM   622 C C   . HIS A 1 75 ? -1.636  -14.738 6.049   1.00 48.49 ? 73  HIS A C   1 
ATOM   623 O O   . HIS A 1 75 ? -0.837  -14.638 5.121   1.00 47.84 ? 73  HIS A O   1 
ATOM   624 C CB  . HIS A 1 75 ? -3.123  -16.676 5.624   1.00 48.13 ? 73  HIS A CB  1 
ATOM   625 C CG  . HIS A 1 75 ? -4.361  -17.144 4.922   1.00 52.85 ? 73  HIS A CG  1 
ATOM   626 N ND1 . HIS A 1 75 ? -5.603  -17.153 5.533   1.00 56.75 ? 73  HIS A ND1 1 
ATOM   627 C CD2 . HIS A 1 75 ? -4.571  -17.525 3.637   1.00 57.31 ? 73  HIS A CD2 1 
ATOM   628 C CE1 . HIS A 1 75 ? -6.516  -17.559 4.666   1.00 57.60 ? 73  HIS A CE1 1 
ATOM   629 N NE2 . HIS A 1 75 ? -5.919  -17.790 3.507   1.00 58.27 ? 73  HIS A NE2 1 
ATOM   630 N N   . GLU A 1 76 ? -1.299  -14.580 7.325   1.00 50.56 ? 74  GLU A N   1 
ATOM   631 C CA  . GLU A 1 76 ? 0.084   -14.345 7.724   1.00 53.15 ? 74  GLU A CA  1 
ATOM   632 C C   . GLU A 1 76 ? 0.862   -15.644 7.587   1.00 54.05 ? 74  GLU A C   1 
ATOM   633 O O   . GLU A 1 76 ? 0.329   -16.682 7.934   1.00 54.56 ? 74  GLU A O   1 
ATOM   634 C CB  . GLU A 1 76 ? 0.147   -13.747 9.141   1.00 53.77 ? 74  GLU A CB  1 
ATOM   635 C CG  . GLU A 1 76 ? 0.509   -12.233 9.132   1.00 55.80 ? 74  GLU A CG  1 
ATOM   636 C CD  . GLU A 1 76 ? -0.381  -11.383 10.040  1.00 58.74 ? 74  GLU A CD  1 
ATOM   637 O OE1 . GLU A 1 76 ? -0.341  -11.539 11.278  1.00 60.48 ? 74  GLU A OE1 1 
ATOM   638 O OE2 . GLU A 1 76 ? -1.121  -10.522 9.514   1.00 58.97 ? 74  GLU A OE2 1 
ATOM   639 N N   . THR A 1 77 ? 2.085   -15.594 7.035   1.00 55.26 ? 75  THR A N   1 
ATOM   640 C CA  . THR A 1 77 ? 2.869   -16.813 6.708   1.00 56.41 ? 75  THR A CA  1 
ATOM   641 C C   . THR A 1 77 ? 3.262   -17.724 7.892   1.00 56.76 ? 75  THR A C   1 
ATOM   642 O O   . THR A 1 77 ? 3.427   -17.275 9.032   1.00 57.94 ? 75  THR A O   1 
ATOM   643 C CB  . THR A 1 77 ? 4.127   -16.504 5.870   1.00 56.30 ? 75  THR A CB  1 
ATOM   644 O OG1 . THR A 1 77 ? 3.742   -15.889 4.637   1.00 56.55 ? 75  THR A OG1 1 
ATOM   645 C CG2 . THR A 1 77 ? 4.873   -17.805 5.545   1.00 57.78 ? 75  THR A CG2 1 
HETATM 646 O O   . HOH B 2 .  ? -9.209  -1.364  -6.326  1.00 39.94 ? 85  HOH A O   1 
HETATM 647 O O   . HOH B 2 .  ? -4.479  17.573  7.273   1.00 41.64 ? 86  HOH A O   1 
HETATM 648 O O   . HOH B 2 .  ? -0.760  -4.554  10.013  1.00 48.42 ? 87  HOH A O   1 
HETATM 649 O O   . HOH B 2 .  ? -5.567  14.003  -7.599  1.00 58.75 ? 88  HOH A O   1 
HETATM 650 O O   . HOH B 2 .  ? 4.676   -11.099 -1.500  1.00 53.04 ? 89  HOH A O   1 
HETATM 651 O O   . HOH B 2 .  ? 0.564   -0.740  -10.842 1.00 48.81 ? 90  HOH A O   1 
HETATM 652 O O   . HOH B 2 .  ? -9.327  8.720   -7.986  1.00 48.11 ? 91  HOH A O   1 
HETATM 653 O O   . HOH B 2 .  ? 6.664   2.266   -9.649  1.00 37.13 ? 92  HOH A O   1 
HETATM 654 O O   . HOH B 2 .  ? 8.659   20.178  2.064   1.00 62.09 ? 93  HOH A O   1 
HETATM 655 O O   . HOH B 2 .  ? 6.783   -3.717  -3.034  1.00 58.13 ? 94  HOH A O   1 
HETATM 656 O O   . HOH B 2 .  ? -11.626 -2.157  -6.955  1.00 46.66 ? 95  HOH A O   1 
HETATM 657 O O   . HOH B 2 .  ? -0.290  23.613  3.782   1.00 48.05 ? 96  HOH A O   1 
HETATM 658 O O   . HOH B 2 .  ? 7.961   3.635   8.318   1.00 52.34 ? 97  HOH A O   1 
HETATM 659 O O   . HOH B 2 .  ? 4.705   15.071  -12.014 1.00 55.93 ? 98  HOH A O   1 
HETATM 660 O O   . HOH B 2 .  ? -3.556  -15.529 9.174   1.00 49.83 ? 99  HOH A O   1 
HETATM 661 O O   . HOH B 2 .  ? 0.300   2.562   -13.168 1.00 47.56 ? 100 HOH A O   1 
HETATM 662 O O   . HOH B 2 .  ? 5.091   17.449  -5.164  1.00 49.84 ? 101 HOH A O   1 
HETATM 663 O O   . HOH B 2 .  ? -10.424 -13.374 9.481   1.00 52.69 ? 102 HOH A O   1 
HETATM 664 O O   . HOH B 2 .  ? 8.123   13.495  -3.903  1.00 50.36 ? 103 HOH A O   1 
HETATM 665 O O   . HOH B 2 .  ? 8.723   6.091   8.565   1.00 46.42 ? 104 HOH A O   1 
HETATM 666 O O   . HOH B 2 .  ? 10.528  -1.012  3.748   1.00 50.18 ? 105 HOH A O   1 
HETATM 667 O O   . HOH B 2 .  ? -8.215  -15.134 -7.355  1.00 58.47 ? 106 HOH A O   1 
HETATM 668 O O   . HOH B 2 .  ? 9.321   6.364   -10.676 1.00 52.30 ? 107 HOH A O   1 
# 
